data_6WPF
#
_entry.id   6WPF
#
_cell.length_a   165.569
_cell.length_b   170.468
_cell.length_c   103.343
_cell.angle_alpha   90.000
_cell.angle_beta   90.000
_cell.angle_gamma   90.000
#
_symmetry.space_group_name_H-M   'C 2 2 21'
#
loop_
_entity.id
_entity.type
_entity.pdbx_description
1 polymer 'DNA Primer 21-mer'
2 polymer 'DNA template 27-mer'
3 polymer 'Reverse transcriptase/ribonuclease H'
4 polymer 'p51 RT'
5 non-polymer '[(5R)-5-(5-METHYL-2,4-DIOXO-3,4-DIHYDROPYRIMIDIN-1(2H)-YL)-2,5-DIHYDROFURAN-2-YL]METHYL DIHYDROGEN PHOSPHATE'
6 non-polymer 'SULFATE ION'
7 non-polymer 'MAGNESIUM ION'
8 non-polymer "2',3'-DEHYDRO-2',3'-DEOXY-THYMIDINE 5'-TRIPHOSPHATE"
9 non-polymer GLYCEROL
10 water water
#
loop_
_entity_poly.entity_id
_entity_poly.type
_entity_poly.pdbx_seq_one_letter_code
_entity_poly.pdbx_strand_id
1 'polydeoxyribonucleotide'
;(DA)(DC)(DA)(DG)(DT)(DC)(DC)(DC)(DT)(DG)(DT)(DT)(DC)(DG)(DG)(G47)(DC)(DG)(DC)
(DC)(DG)
;
P
2 'polydeoxyribonucleotide'
;(DA)(DT)(DG)(DG)(DA)(DC)(DG)(DG)(DC)(DG)(DC)(DC)(DC)(DG)(DA)(DA)(DC)(DA)(DG)(DG)
(DG)(DA)(DC)(DT)(DG)(DT)(DG)
;
T
3 'polypeptide(L)'
;MPISPIETVPVKLKPGMDGPKVKQWPLTEEKIKALVEICTEMEKEGKISKIGPENPYNTPVFAIKKKDSTKWRKLVDFRE
LNKRTQDFWEVQLGIPHPAGLKKKKSVTVLDVGDAYFSVPLDEDFRKYTAFTIPSINNETPGIRYQYNVLPQGWKGSPAI
FQSSMTKILEPFRKQNPDIVIYQYMDDLYVGSDLEIGQHRTKIEELRQHLLRWGLTTPDKKHQKEPPFLWMGYELHPDKW
TVQPIVLPEKDSWTVNDICKLVGKLNWASQIYPGIKVRQLSKLLRGTKALTEVIPLTEEAELELAENREILKEPVHGVYY
DPSKDLIAEIQKQGQGQWTYQIYQEPFKNLKTGKYARMRGAHTNDVKQLTEAVQKITTESIVIWGKTPKFKLPIQKETWE
TWWTEYWQATWIPEWEFVNTPPLVKLWYQLEKEPIVGAETFYVDGAANRETKLGKAGYVTNRGRQKVVTLTDTTNQKTEL
QAIYLALQDSGLEVNIVTDSQYALGIIQAQPDQSESELVNQIIEQLIKKEKVYLAWVPAHKGIGGNEQVDKLVSAGIRKV
L
;
A
4 'polypeptide(L)'
;MGSSHHHHHHSSPISPIETVPVKLKPGMDGPKVKQWPLTEEKIKALVEICTEMEKEGKISKIGPENPYNTPVFAIKKKDS
TKWRKLVDFRELNKRTQDFWEVQLGIPHPAGLKKKKSVTVLDVGDAYFSVPLDEDFRKYTAFTIPSINNETPGIRYQYNV
LPQGWKGSPAIFQSSMTKILEPFRKQNPDIVIYQYMDDLYVGSDLEIGQHRTKIEELRQHLLRWGLTTPDKKHQKEPPFL
WMGYELHPDKWTVQPIVLPEKDSWTVNDIQKLVGKLNWASQIYPGIKVRQLSKLLRGTKALTEVIPLTEEAELELAENRE
ILKEPVHGVYYDPSKDLIAEIQKQGQGQWTYQIYQEPFKNLKTGKYARMRGAHTNDVKQLTEAVQKITTESIVIWGKTPK
FKLPIQKETWETWWTEYWQATWIPEWEFVNTPPLVKLWYQLEKEPIVGAETF
;
B
#
loop_
_chem_comp.id
_chem_comp.type
_chem_comp.name
_chem_comp.formula
D4M DNA linking '[(5R)-5-(5-METHYL-2,4-DIOXO-3,4-DIHYDROPYRIMIDIN-1(2H)-YL)-2,5-DIHYDROFURAN-2-YL]METHYL DIHYDROGEN PHOSPHATE' 'C10 H13 N2 O7 P'
D4T non-polymer '2',3'-DEHYDRO-2',3'-DEOXY-THYMIDINE 5'-TRIPHOSPHATE' 'C10 H15 N2 O13 P3'
DA DNA linking 2'-DEOXYADENOSINE-5'-MONOPHOSPHATE 'C10 H14 N5 O6 P'
DC DNA linking 2'-DEOXYCYTIDINE-5'-MONOPHOSPHATE 'C9 H14 N3 O7 P'
DG DNA linking 2'-DEOXYGUANOSINE-5'-MONOPHOSPHATE 'C10 H14 N5 O7 P'
DT DNA linking THYMIDINE-5'-MONOPHOSPHATE 'C10 H15 N2 O8 P'
G47 DNA linking N2-ETHANETHIOL-2'-DEOXY-GUANOSINE-5'-MONOPHOSPHATE 'C12 H18 N5 O7 P S'
GOL non-polymer GLYCEROL 'C3 H8 O3'
MG non-polymer 'MAGNESIUM ION' 'Mg 2'
SO4 non-polymer 'SULFATE ION' 'O4 S -2'
#
# COMPACT_ATOMS: atom_id res chain seq x y z
P G47 A 16 -9.36 -20.32 -13.61
O1P G47 A 16 -8.40 -20.54 -12.44
O2P G47 A 16 -10.13 -21.48 -14.19
O5' G47 A 16 -8.55 -19.62 -14.81
C5' G47 A 16 -7.57 -20.34 -15.55
C4' G47 A 16 -7.03 -19.37 -16.57
O4' G47 A 16 -7.24 -18.00 -16.16
C3' G47 A 16 -5.54 -19.51 -16.67
O3' G47 A 16 -5.17 -20.59 -17.52
C2' G47 A 16 -5.04 -18.13 -17.09
C1' G47 A 16 -6.04 -17.23 -16.37
N9 G47 A 16 -5.53 -16.76 -15.05
C8 G47 A 16 -5.94 -17.24 -13.85
N7 G47 A 16 -5.32 -16.61 -12.81
C5 G47 A 16 -4.50 -15.68 -13.33
C6 G47 A 16 -3.55 -14.67 -12.79
O6 G47 A 16 -3.38 -14.54 -11.56
N1 G47 A 16 -2.89 -13.90 -13.68
C2 G47 A 16 -3.07 -14.03 -15.01
N2 G47 A 16 -2.38 -13.22 -15.84
N3 G47 A 16 -3.92 -14.93 -15.54
C4 G47 A 16 -4.65 -15.78 -14.79
C6A G47 A 16 -2.13 -13.58 -17.23
C7A G47 A 16 -3.37 -13.56 -18.13
SG G47 A 16 -2.87 -13.68 -19.87
N PRO C 2 12.29 -41.38 7.81
CA PRO C 2 11.48 -41.63 9.00
C PRO C 2 10.49 -40.49 9.28
N ILE C 3 9.83 -40.49 10.43
CA ILE C 3 8.80 -39.51 10.75
C ILE C 3 9.32 -38.58 11.85
N SER C 4 9.21 -37.28 11.62
CA SER C 4 9.67 -36.32 12.61
C SER C 4 8.94 -36.51 13.94
N PRO C 5 9.65 -36.41 15.07
CA PRO C 5 8.99 -36.37 16.39
C PRO C 5 8.53 -34.99 16.82
N ILE C 6 8.58 -34.00 15.91
CA ILE C 6 8.02 -32.69 16.19
C ILE C 6 6.56 -32.82 16.59
N GLU C 7 6.09 -31.90 17.42
CA GLU C 7 4.68 -31.90 17.80
C GLU C 7 3.83 -31.60 16.55
N THR C 8 2.64 -32.20 16.49
CA THR C 8 1.75 -31.95 15.38
C THR C 8 1.03 -30.61 15.52
N VAL C 9 0.65 -30.04 14.38
CA VAL C 9 -0.09 -28.79 14.33
C VAL C 9 -1.57 -29.14 14.36
N PRO C 10 -2.33 -28.67 15.35
CA PRO C 10 -3.75 -29.05 15.43
C PRO C 10 -4.56 -28.29 14.38
N VAL C 11 -5.42 -29.02 13.66
CA VAL C 11 -6.26 -28.46 12.62
C VAL C 11 -7.67 -29.01 12.77
N LYS C 12 -8.64 -28.18 12.43
CA LYS C 12 -10.04 -28.57 12.51
C LYS C 12 -10.70 -28.29 11.17
N LEU C 13 -11.89 -28.85 10.97
CA LEU C 13 -12.72 -28.45 9.85
C LEU C 13 -13.46 -27.16 10.20
N LYS C 14 -13.98 -26.49 9.18
CA LYS C 14 -14.84 -25.34 9.44
C LYS C 14 -16.12 -25.80 10.14
N PRO C 15 -16.74 -24.94 10.95
CA PRO C 15 -17.88 -25.37 11.76
C PRO C 15 -18.98 -26.02 10.93
N GLY C 16 -19.58 -27.07 11.49
CA GLY C 16 -20.72 -27.71 10.88
C GLY C 16 -20.45 -28.38 9.55
N MET C 17 -19.22 -28.82 9.32
CA MET C 17 -18.86 -29.50 8.07
C MET C 17 -18.20 -30.83 8.40
N ASP C 18 -18.15 -31.70 7.39
CA ASP C 18 -17.70 -33.09 7.56
C ASP C 18 -16.68 -33.42 6.46
N GLY C 19 -16.15 -34.63 6.51
CA GLY C 19 -15.10 -35.06 5.61
C GLY C 19 -15.60 -35.50 4.25
N PRO C 20 -14.69 -35.56 3.27
CA PRO C 20 -15.11 -35.85 1.89
C PRO C 20 -15.55 -37.29 1.72
N LYS C 21 -16.53 -37.49 0.83
CA LYS C 21 -16.99 -38.81 0.42
C LYS C 21 -17.05 -38.79 -1.10
N VAL C 22 -15.93 -39.11 -1.76
CA VAL C 22 -15.77 -38.92 -3.20
C VAL C 22 -15.15 -40.18 -3.82
N LYS C 23 -15.82 -40.72 -4.84
CA LYS C 23 -15.43 -42.00 -5.44
C LYS C 23 -14.08 -41.89 -6.13
N GLN C 24 -13.29 -42.96 -6.02
CA GLN C 24 -12.00 -43.03 -6.71
C GLN C 24 -12.22 -43.21 -8.20
N TRP C 25 -11.46 -42.45 -9.00
CA TRP C 25 -11.61 -42.55 -10.45
C TRP C 25 -10.63 -43.56 -11.04
N PRO C 26 -10.88 -44.03 -12.27
CA PRO C 26 -9.98 -45.03 -12.86
C PRO C 26 -8.61 -44.44 -13.14
N LEU C 27 -7.59 -45.05 -12.53
CA LEU C 27 -6.19 -44.76 -12.85
C LEU C 27 -5.68 -45.80 -13.85
N THR C 28 -4.71 -45.39 -14.66
CA THR C 28 -4.05 -46.33 -15.54
C THR C 28 -3.25 -47.33 -14.74
N GLU C 29 -2.90 -48.45 -15.38
CA GLU C 29 -2.20 -49.52 -14.67
C GLU C 29 -0.80 -49.10 -14.24
N GLU C 30 -0.12 -48.27 -15.04
CA GLU C 30 1.20 -47.79 -14.65
C GLU C 30 1.15 -47.00 -13.35
N LYS C 31 0.13 -46.15 -13.21
CA LYS C 31 -0.04 -45.37 -11.99
C LYS C 31 -0.57 -46.24 -10.85
N ILE C 32 -1.33 -47.30 -11.15
CA ILE C 32 -1.77 -48.23 -10.11
C ILE C 32 -0.56 -48.96 -9.50
N LYS C 33 0.34 -49.44 -10.36
CA LYS C 33 1.56 -50.07 -9.85
C LYS C 33 2.41 -49.07 -9.06
N ALA C 34 2.56 -47.84 -9.58
CA ALA C 34 3.32 -46.83 -8.84
C ALA C 34 2.73 -46.60 -7.45
N LEU C 35 1.42 -46.32 -7.40
CA LEU C 35 0.76 -46.07 -6.13
C LEU C 35 0.84 -47.28 -5.20
N VAL C 36 0.67 -48.50 -5.74
CA VAL C 36 0.73 -49.71 -4.91
C VAL C 36 2.09 -49.85 -4.24
N GLU C 37 3.16 -49.68 -5.01
CA GLU C 37 4.51 -49.76 -4.44
C GLU C 37 4.74 -48.66 -3.40
N ILE C 38 4.43 -47.41 -3.77
CA ILE C 38 4.51 -46.30 -2.81
C ILE C 38 3.76 -46.62 -1.54
N CYS C 39 2.56 -47.19 -1.66
CA CYS C 39 1.69 -47.34 -0.50
C CYS C 39 2.10 -48.50 0.39
N THR C 40 2.53 -49.62 -0.18
CA THR C 40 3.01 -50.69 0.68
C THR C 40 4.24 -50.24 1.45
N GLU C 41 5.11 -49.44 0.82
CA GLU C 41 6.27 -48.95 1.56
C GLU C 41 5.88 -47.92 2.62
N MET C 42 4.99 -46.99 2.31
CA MET C 42 4.55 -46.01 3.31
C MET C 42 3.86 -46.69 4.47
N GLU C 43 3.08 -47.74 4.19
CA GLU C 43 2.39 -48.45 5.24
C GLU C 43 3.37 -49.21 6.12
N LYS C 44 4.43 -49.79 5.55
CA LYS C 44 5.44 -50.41 6.40
C LYS C 44 6.09 -49.39 7.34
N GLU C 45 6.15 -48.14 6.92
CA GLU C 45 6.83 -47.07 7.67
C GLU C 45 5.92 -46.31 8.61
N GLY C 46 4.65 -46.73 8.74
CA GLY C 46 3.72 -45.97 9.56
C GLY C 46 3.29 -44.62 9.03
N LYS C 47 3.65 -44.27 7.80
CA LYS C 47 3.20 -42.98 7.26
C LYS C 47 1.74 -43.02 6.83
N ILE C 48 1.24 -44.19 6.47
CA ILE C 48 -0.18 -44.38 6.21
C ILE C 48 -0.64 -45.60 6.99
N SER C 49 -1.92 -45.64 7.30
CA SER C 49 -2.51 -46.75 8.03
C SER C 49 -3.67 -47.33 7.24
N LYS C 50 -3.78 -48.66 7.23
CA LYS C 50 -4.96 -49.29 6.66
C LYS C 50 -6.16 -48.98 7.54
N ILE C 51 -7.26 -48.57 6.90
CA ILE C 51 -8.50 -48.25 7.59
C ILE C 51 -9.53 -49.32 7.25
N GLY C 52 -10.55 -49.42 8.10
CA GLY C 52 -11.63 -50.36 7.89
C GLY C 52 -12.93 -49.71 7.46
N PRO C 53 -14.06 -50.34 7.80
CA PRO C 53 -15.37 -49.77 7.43
C PRO C 53 -15.85 -48.67 8.36
N GLU C 54 -15.23 -48.51 9.53
CA GLU C 54 -15.57 -47.40 10.40
C GLU C 54 -15.24 -46.05 9.76
N ASN C 55 -14.37 -46.03 8.76
CA ASN C 55 -14.00 -44.82 8.04
C ASN C 55 -14.95 -44.62 6.86
N PRO C 56 -15.89 -43.68 6.95
CA PRO C 56 -16.86 -43.49 5.87
C PRO C 56 -16.36 -42.65 4.70
N TYR C 57 -15.15 -42.10 4.80
CA TYR C 57 -14.67 -41.06 3.90
C TYR C 57 -13.83 -41.65 2.77
N ASN C 58 -13.63 -40.84 1.74
CA ASN C 58 -12.70 -41.16 0.66
C ASN C 58 -12.50 -39.91 -0.18
N THR C 59 -11.33 -39.85 -0.83
CA THR C 59 -11.07 -38.81 -1.82
C THR C 59 -10.11 -39.37 -2.86
N PRO C 60 -10.21 -38.92 -4.12
CA PRO C 60 -9.46 -39.57 -5.21
C PRO C 60 -7.94 -39.35 -5.14
N VAL C 61 -7.20 -40.36 -5.63
CA VAL C 61 -5.74 -40.38 -5.60
C VAL C 61 -5.20 -40.58 -7.02
N PHE C 62 -4.02 -40.04 -7.29
CA PHE C 62 -3.31 -40.26 -8.56
C PHE C 62 -1.81 -40.04 -8.32
N ALA C 63 -1.03 -40.11 -9.39
CA ALA C 63 0.41 -39.90 -9.27
C ALA C 63 0.94 -39.33 -10.58
N ILE C 64 2.02 -38.56 -10.48
CA ILE C 64 2.65 -37.93 -11.64
C ILE C 64 4.16 -38.10 -11.53
N LYS C 65 4.86 -37.80 -12.62
CA LYS C 65 6.30 -37.83 -12.55
C LYS C 65 6.84 -36.63 -11.77
N LYS C 66 8.05 -36.80 -11.22
CA LYS C 66 8.77 -35.71 -10.58
C LYS C 66 9.75 -35.07 -11.56
N LYS C 67 10.35 -33.96 -11.11
CA LYS C 67 11.44 -33.32 -11.85
C LYS C 67 12.53 -34.33 -12.20
N ASP C 68 12.98 -35.09 -11.21
CA ASP C 68 13.75 -36.31 -11.46
C ASP C 68 12.76 -37.31 -12.06
N SER C 69 12.79 -37.45 -13.40
CA SER C 69 11.85 -38.32 -14.10
C SER C 69 11.93 -39.77 -13.65
N THR C 70 12.94 -40.14 -12.87
CA THR C 70 13.08 -41.52 -12.38
C THR C 70 12.09 -41.84 -11.26
N LYS C 71 11.44 -40.84 -10.67
CA LYS C 71 10.62 -41.03 -9.48
C LYS C 71 9.18 -40.59 -9.71
N TRP C 72 8.24 -41.23 -9.01
CA TRP C 72 6.84 -40.88 -8.98
C TRP C 72 6.50 -40.02 -7.77
N ARG C 73 5.38 -39.30 -7.88
CA ARG C 73 4.85 -38.47 -6.80
C ARG C 73 3.39 -38.81 -6.62
N LYS C 74 3.03 -39.21 -5.40
CA LYS C 74 1.64 -39.49 -5.04
C LYS C 74 0.93 -38.20 -4.73
N LEU C 75 -0.24 -37.99 -5.33
CA LEU C 75 -1.07 -36.81 -5.16
C LEU C 75 -2.49 -37.24 -4.83
N VAL C 76 -3.21 -36.34 -4.17
CA VAL C 76 -4.60 -36.55 -3.79
C VAL C 76 -5.39 -35.32 -4.21
N ASP C 77 -6.53 -35.53 -4.87
CA ASP C 77 -7.41 -34.43 -5.24
C ASP C 77 -8.29 -34.10 -4.03
N PHE C 78 -7.67 -33.38 -3.09
CA PHE C 78 -8.29 -32.99 -1.83
C PHE C 78 -9.15 -31.74 -1.95
N ARG C 79 -9.59 -31.39 -3.16
CA ARG C 79 -10.29 -30.14 -3.35
C ARG C 79 -11.50 -30.04 -2.44
N GLU C 80 -12.21 -31.15 -2.21
CA GLU C 80 -13.39 -31.09 -1.36
C GLU C 80 -13.01 -30.94 0.11
N LEU C 81 -12.09 -31.79 0.59
CA LEU C 81 -11.58 -31.59 1.94
C LEU C 81 -10.95 -30.21 2.10
N ASN C 82 -10.25 -29.72 1.08
CA ASN C 82 -9.67 -28.37 1.15
C ASN C 82 -10.76 -27.32 1.33
N LYS C 83 -11.86 -27.42 0.58
CA LYS C 83 -13.00 -26.54 0.81
C LYS C 83 -13.44 -26.57 2.26
N ARG C 84 -13.55 -27.77 2.83
CA ARG C 84 -14.12 -27.90 4.17
C ARG C 84 -13.13 -27.70 5.30
N THR C 85 -11.86 -27.41 5.00
CA THR C 85 -10.83 -27.24 6.02
C THR C 85 -10.74 -25.79 6.49
N GLN C 86 -10.41 -25.63 7.78
CA GLN C 86 -10.19 -24.31 8.40
C GLN C 86 -9.20 -23.44 7.62
N ASP C 87 -9.25 -22.14 7.87
CA ASP C 87 -8.29 -21.27 7.20
C ASP C 87 -6.95 -21.30 7.91
N PHE C 88 -5.92 -20.95 7.15
CA PHE C 88 -4.57 -20.81 7.67
C PHE C 88 -4.08 -19.41 7.36
N TRP C 89 -3.11 -18.95 8.15
CA TRP C 89 -2.28 -17.82 7.76
C TRP C 89 -1.02 -18.39 7.13
N GLU C 90 -0.84 -18.13 5.84
CA GLU C 90 0.34 -18.64 5.15
C GLU C 90 1.58 -17.93 5.69
N VAL C 91 2.70 -18.64 5.79
CA VAL C 91 3.92 -18.04 6.31
C VAL C 91 4.97 -17.80 5.25
N GLN C 92 4.81 -18.32 4.04
CA GLN C 92 5.65 -17.95 2.90
C GLN C 92 5.24 -16.56 2.41
N LEU C 93 6.05 -15.54 2.71
CA LEU C 93 5.71 -14.15 2.43
C LEU C 93 6.18 -13.69 1.06
N GLY C 94 7.10 -14.41 0.44
CA GLY C 94 7.59 -14.05 -0.86
C GLY C 94 8.59 -15.08 -1.34
N ILE C 95 9.22 -14.77 -2.46
CA ILE C 95 10.14 -15.67 -3.15
C ILE C 95 11.54 -15.07 -3.01
N PRO C 96 12.51 -15.80 -2.46
CA PRO C 96 13.86 -15.24 -2.37
C PRO C 96 14.45 -15.05 -3.74
N HIS C 97 15.33 -14.05 -3.87
CA HIS C 97 15.85 -13.69 -5.17
C HIS C 97 17.38 -13.66 -5.14
N PRO C 98 18.04 -14.20 -6.18
CA PRO C 98 19.52 -14.31 -6.12
C PRO C 98 20.24 -12.98 -6.00
N ALA C 99 19.68 -11.88 -6.54
CA ALA C 99 20.34 -10.59 -6.43
C ALA C 99 20.45 -10.14 -4.97
N GLY C 100 19.69 -10.75 -4.06
CA GLY C 100 19.78 -10.48 -2.64
C GLY C 100 20.78 -11.35 -1.89
N LEU C 101 21.38 -12.33 -2.55
CA LEU C 101 22.45 -13.11 -1.92
C LEU C 101 23.75 -12.33 -1.84
N LYS C 102 24.46 -12.50 -0.74
CA LYS C 102 25.77 -11.92 -0.59
C LYS C 102 26.84 -12.93 -0.99
N LYS C 103 28.06 -12.44 -1.21
CA LYS C 103 29.18 -13.32 -1.48
C LYS C 103 29.52 -14.12 -0.22
N LYS C 104 29.49 -15.45 -0.34
CA LYS C 104 29.85 -16.37 0.74
C LYS C 104 31.08 -17.15 0.35
N LYS C 105 31.94 -17.44 1.32
CA LYS C 105 33.12 -18.25 1.03
C LYS C 105 32.75 -19.68 0.64
N SER C 106 31.73 -20.27 1.29
CA SER C 106 31.37 -21.64 1.02
C SER C 106 29.86 -21.78 0.95
N VAL C 107 29.40 -22.68 0.07
CA VAL C 107 27.99 -22.79 -0.30
C VAL C 107 27.61 -24.25 -0.47
N THR C 108 26.43 -24.61 0.01
CA THR C 108 25.88 -25.95 -0.16
C THR C 108 24.39 -25.78 -0.42
N VAL C 109 23.85 -26.60 -1.32
CA VAL C 109 22.41 -26.65 -1.53
C VAL C 109 21.98 -28.09 -1.32
N LEU C 110 21.06 -28.31 -0.38
CA LEU C 110 20.62 -29.66 -0.13
C LEU C 110 19.10 -29.68 0.03
N ASP C 111 18.56 -30.89 -0.11
CA ASP C 111 17.13 -31.10 -0.18
C ASP C 111 16.73 -32.18 0.81
N VAL C 112 15.52 -32.07 1.34
CA VAL C 112 14.97 -33.05 2.26
C VAL C 112 14.27 -34.15 1.46
N GLY C 113 14.50 -35.41 1.86
CA GLY C 113 13.89 -36.54 1.17
C GLY C 113 12.49 -36.76 1.71
N ASP C 114 11.52 -36.89 0.79
CA ASP C 114 10.11 -37.11 1.11
C ASP C 114 9.67 -36.22 2.28
N ALA C 115 9.88 -34.92 2.08
CA ALA C 115 9.74 -33.93 3.14
C ALA C 115 8.37 -34.00 3.81
N TYR C 116 7.28 -33.84 3.05
CA TYR C 116 5.95 -33.89 3.65
C TYR C 116 5.75 -35.19 4.41
N PHE C 117 6.13 -36.31 3.80
CA PHE C 117 5.86 -37.60 4.41
C PHE C 117 6.67 -37.84 5.67
N SER C 118 7.50 -36.88 6.06
CA SER C 118 8.23 -36.96 7.31
C SER C 118 7.63 -36.12 8.41
N VAL C 119 6.58 -35.36 8.14
CA VAL C 119 5.97 -34.49 9.13
C VAL C 119 4.66 -35.11 9.57
N PRO C 120 4.47 -35.39 10.85
CA PRO C 120 3.22 -36.04 11.28
C PRO C 120 2.02 -35.11 11.13
N LEU C 121 0.86 -35.72 10.97
CA LEU C 121 -0.41 -35.02 10.86
C LEU C 121 -1.23 -35.22 12.12
N ASP C 122 -1.98 -34.19 12.51
CA ASP C 122 -2.86 -34.23 13.67
C ASP C 122 -3.71 -35.50 13.65
N GLU C 123 -3.67 -36.25 14.77
CA GLU C 123 -4.39 -37.52 14.81
C GLU C 123 -5.88 -37.34 14.58
N ASP C 124 -6.48 -36.35 15.23
CA ASP C 124 -7.92 -36.12 15.10
C ASP C 124 -8.32 -35.87 13.64
N PHE C 125 -7.42 -35.34 12.83
CA PHE C 125 -7.74 -35.04 11.43
C PHE C 125 -7.51 -36.24 10.51
N ARG C 126 -6.74 -37.25 10.95
CA ARG C 126 -6.27 -38.28 10.01
C ARG C 126 -7.42 -38.96 9.26
N LYS C 127 -8.57 -39.17 9.92
CA LYS C 127 -9.62 -39.94 9.27
C LYS C 127 -10.16 -39.24 8.02
N TYR C 128 -10.03 -37.92 7.94
CA TYR C 128 -10.54 -37.22 6.77
C TYR C 128 -9.68 -37.40 5.54
N THR C 129 -8.48 -37.98 5.69
CA THR C 129 -7.57 -38.18 4.57
C THR C 129 -7.74 -39.55 3.90
N ALA C 130 -8.81 -40.28 4.22
CA ALA C 130 -9.05 -41.61 3.66
C ALA C 130 -8.98 -41.60 2.14
N PHE C 131 -8.34 -42.63 1.58
CA PHE C 131 -8.30 -42.85 0.14
C PHE C 131 -8.32 -44.35 -0.14
N THR C 132 -8.33 -44.69 -1.43
CA THR C 132 -8.47 -46.06 -1.93
C THR C 132 -7.49 -46.28 -3.07
N ILE C 133 -6.75 -47.38 -3.05
CA ILE C 133 -5.95 -47.79 -4.19
C ILE C 133 -6.74 -48.84 -4.96
N PRO C 134 -7.12 -48.59 -6.21
CA PRO C 134 -7.80 -49.61 -7.01
C PRO C 134 -6.84 -50.68 -7.49
N SER C 135 -7.37 -51.90 -7.65
CA SER C 135 -6.54 -53.03 -8.00
C SER C 135 -6.54 -53.26 -9.52
N ILE C 136 -5.58 -54.04 -9.98
CA ILE C 136 -5.66 -54.67 -11.31
C ILE C 136 -6.30 -56.03 -11.06
N ASN C 137 -7.63 -56.03 -10.99
CA ASN C 137 -8.38 -57.21 -10.57
C ASN C 137 -8.26 -58.35 -11.56
N THR C 140 -8.03 -59.58 -7.63
CA THR C 140 -7.35 -58.84 -6.58
C THR C 140 -8.18 -57.67 -6.09
N PRO C 141 -8.27 -57.50 -4.77
CA PRO C 141 -9.01 -56.38 -4.19
C PRO C 141 -8.14 -55.16 -3.93
N GLY C 142 -8.80 -54.00 -3.89
CA GLY C 142 -8.11 -52.73 -3.67
C GLY C 142 -8.10 -52.31 -2.21
N ILE C 143 -7.00 -51.68 -1.80
CA ILE C 143 -6.71 -51.43 -0.39
C ILE C 143 -7.05 -49.99 -0.02
N ARG C 144 -7.58 -49.80 1.20
CA ARG C 144 -7.96 -48.50 1.74
C ARG C 144 -6.93 -48.03 2.76
N TYR C 145 -6.72 -46.72 2.82
CA TYR C 145 -5.72 -46.16 3.73
C TYR C 145 -6.19 -44.80 4.23
N GLN C 146 -5.48 -44.32 5.25
CA GLN C 146 -5.52 -42.93 5.66
C GLN C 146 -4.09 -42.46 5.90
N TYR C 147 -3.93 -41.15 5.97
CA TYR C 147 -2.63 -40.52 6.17
C TYR C 147 -2.32 -40.34 7.65
N ASN C 148 -1.06 -40.54 8.01
CA ASN C 148 -0.52 -40.17 9.31
C ASN C 148 0.51 -39.07 9.18
N VAL C 149 0.91 -38.74 7.95
CA VAL C 149 1.86 -37.67 7.69
C VAL C 149 1.15 -36.70 6.76
N LEU C 150 1.82 -35.62 6.38
CA LEU C 150 1.18 -34.59 5.54
C LEU C 150 0.95 -35.12 4.12
N PRO C 151 -0.24 -34.97 3.57
CA PRO C 151 -0.48 -35.41 2.19
C PRO C 151 -0.28 -34.30 1.17
N GLN C 152 0.00 -34.71 -0.06
CA GLN C 152 0.24 -33.77 -1.16
C GLN C 152 -1.06 -33.52 -1.89
N GLY C 153 -1.48 -32.25 -1.93
CA GLY C 153 -2.78 -31.86 -2.43
C GLY C 153 -3.67 -31.26 -1.36
N TRP C 154 -3.34 -31.46 -0.09
CA TRP C 154 -4.07 -30.80 0.99
C TRP C 154 -3.58 -29.38 1.13
N LYS C 155 -4.50 -28.46 1.44
CA LYS C 155 -4.14 -27.05 1.48
C LYS C 155 -3.41 -26.67 2.75
N GLY C 156 -3.54 -27.44 3.84
CA GLY C 156 -2.77 -27.16 5.04
C GLY C 156 -1.32 -27.59 4.97
N SER C 157 -0.98 -28.48 4.03
CA SER C 157 0.36 -29.05 4.02
C SER C 157 1.46 -28.03 3.80
N PRO C 158 1.38 -27.11 2.83
CA PRO C 158 2.53 -26.20 2.61
C PRO C 158 2.85 -25.37 3.83
N ALA C 159 1.86 -24.75 4.46
CA ALA C 159 2.16 -23.90 5.60
C ALA C 159 2.61 -24.74 6.79
N ILE C 160 1.92 -25.86 7.07
CA ILE C 160 2.34 -26.68 8.20
C ILE C 160 3.76 -27.18 7.99
N PHE C 161 4.13 -27.47 6.74
CA PHE C 161 5.50 -27.89 6.52
C PHE C 161 6.48 -26.73 6.68
N GLN C 162 6.18 -25.56 6.12
CA GLN C 162 7.10 -24.44 6.21
C GLN C 162 7.31 -24.01 7.66
N SER C 163 6.24 -23.97 8.43
CA SER C 163 6.35 -23.69 9.86
C SER C 163 7.12 -24.77 10.60
N SER C 164 6.86 -26.06 10.29
CA SER C 164 7.55 -27.13 11.01
C SER C 164 9.04 -27.11 10.70
N MET C 165 9.38 -26.87 9.43
CA MET C 165 10.78 -26.70 9.03
C MET C 165 11.44 -25.56 9.81
N THR C 166 10.73 -24.45 9.99
CA THR C 166 11.28 -23.31 10.71
C THR C 166 11.54 -23.67 12.18
N LYS C 167 10.54 -24.25 12.87
CA LYS C 167 10.76 -24.74 14.24
C LYS C 167 11.96 -25.67 14.30
N ILE C 168 12.10 -26.57 13.34
CA ILE C 168 13.19 -27.54 13.36
C ILE C 168 14.54 -26.86 13.17
N LEU C 169 14.59 -25.86 12.29
CA LEU C 169 15.86 -25.17 12.08
C LEU C 169 16.21 -24.18 13.20
N GLU C 170 15.24 -23.81 14.04
CA GLU C 170 15.53 -22.77 15.04
C GLU C 170 16.71 -23.09 15.94
N PRO C 171 16.80 -24.27 16.59
CA PRO C 171 17.96 -24.53 17.47
C PRO C 171 19.29 -24.45 16.73
N PHE C 172 19.33 -24.92 15.49
CA PHE C 172 20.56 -24.84 14.71
C PHE C 172 20.90 -23.38 14.37
N ARG C 173 19.88 -22.59 13.99
CA ARG C 173 20.12 -21.20 13.64
C ARG C 173 20.61 -20.44 14.85
N LYS C 174 20.07 -20.74 16.04
CA LYS C 174 20.52 -20.12 17.28
C LYS C 174 21.96 -20.49 17.60
N GLN C 175 22.31 -21.78 17.49
CA GLN C 175 23.70 -22.16 17.74
C GLN C 175 24.65 -21.62 16.67
N ASN C 176 24.15 -21.32 15.47
CA ASN C 176 25.00 -20.90 14.35
C ASN C 176 24.45 -19.63 13.75
N PRO C 177 24.55 -18.50 14.45
CA PRO C 177 23.98 -17.24 13.93
C PRO C 177 24.59 -16.80 12.62
N ASP C 178 25.83 -17.18 12.34
CA ASP C 178 26.53 -16.65 11.19
C ASP C 178 26.61 -17.64 10.03
N ILE C 179 25.76 -18.65 10.01
CA ILE C 179 25.58 -19.48 8.84
C ILE C 179 24.21 -19.17 8.27
N VAL C 180 24.18 -18.75 7.01
CA VAL C 180 22.94 -18.31 6.40
C VAL C 180 22.26 -19.49 5.74
N ILE C 181 21.00 -19.72 6.09
CA ILE C 181 20.21 -20.82 5.57
C ILE C 181 18.97 -20.21 4.92
N TYR C 182 18.98 -20.11 3.59
CA TYR C 182 17.78 -19.79 2.83
C TYR C 182 16.93 -21.06 2.73
N GLN C 183 15.70 -21.00 3.24
CA GLN C 183 14.81 -22.14 3.46
C GLN C 183 13.59 -21.97 2.55
N TYR C 184 13.60 -22.62 1.38
CA TYR C 184 12.47 -22.47 0.46
C TYR C 184 11.79 -23.82 0.32
N MET C 185 10.79 -23.97 1.15
CA MET C 185 9.91 -25.08 1.42
C MET C 185 10.61 -26.30 2.01
N ASP C 186 11.62 -26.85 1.37
CA ASP C 186 12.37 -27.94 1.95
C ASP C 186 13.74 -27.95 1.32
N ASP C 187 13.96 -26.99 0.45
CA ASP C 187 15.27 -26.82 -0.17
C ASP C 187 16.04 -25.81 0.65
N LEU C 188 17.26 -26.17 1.03
CA LEU C 188 18.09 -25.34 1.89
C LEU C 188 19.33 -24.91 1.12
N TYR C 189 19.45 -23.60 0.89
CA TYR C 189 20.73 -23.01 0.49
C TYR C 189 21.45 -22.63 1.77
N VAL C 190 22.70 -23.05 1.90
CA VAL C 190 23.47 -22.82 3.11
C VAL C 190 24.80 -22.17 2.75
N GLY C 191 25.04 -20.98 3.28
CA GLY C 191 26.26 -20.25 2.99
C GLY C 191 26.98 -19.88 4.26
N SER C 192 28.31 -19.77 4.14
CA SER C 192 29.14 -19.52 5.31
C SER C 192 30.43 -18.80 4.91
N ASP C 193 31.06 -18.17 5.90
CA ASP C 193 32.35 -17.52 5.72
C ASP C 193 33.50 -18.38 6.23
N LEU C 194 33.32 -19.70 6.19
CA LEU C 194 34.31 -20.68 6.59
C LEU C 194 35.08 -21.20 5.39
N GLU C 195 36.30 -21.67 5.65
CA GLU C 195 37.00 -22.46 4.66
C GLU C 195 36.22 -23.74 4.35
N ILE C 196 36.57 -24.39 3.25
CA ILE C 196 35.70 -25.44 2.71
C ILE C 196 35.61 -26.63 3.68
N GLY C 197 36.73 -27.01 4.32
CA GLY C 197 36.67 -28.15 5.23
C GLY C 197 35.78 -27.92 6.43
N GLN C 198 35.94 -26.78 7.09
CA GLN C 198 35.09 -26.43 8.21
C GLN C 198 33.63 -26.22 7.77
N HIS C 199 33.42 -25.69 6.56
CA HIS C 199 32.05 -25.57 6.05
C HIS C 199 31.40 -26.93 5.92
N ARG C 200 32.12 -27.89 5.31
CA ARG C 200 31.57 -29.23 5.13
C ARG C 200 31.26 -29.88 6.47
N THR C 201 32.15 -29.71 7.44
CA THR C 201 31.86 -30.19 8.80
C THR C 201 30.56 -29.59 9.35
N LYS C 202 30.38 -28.27 9.18
CA LYS C 202 29.14 -27.64 9.63
C LYS C 202 27.93 -28.20 8.88
N ILE C 203 28.10 -28.52 7.60
CA ILE C 203 27.01 -29.08 6.82
C ILE C 203 26.62 -30.43 7.39
N GLU C 204 27.62 -31.22 7.78
CA GLU C 204 27.34 -32.50 8.42
C GLU C 204 26.62 -32.31 9.74
N GLU C 205 27.01 -31.31 10.52
CA GLU C 205 26.28 -31.03 11.74
C GLU C 205 24.83 -30.69 11.43
N LEU C 206 24.61 -29.90 10.38
CA LEU C 206 23.24 -29.52 9.99
C LEU C 206 22.45 -30.75 9.55
N ARG C 207 23.08 -31.65 8.81
CA ARG C 207 22.39 -32.86 8.36
C ARG C 207 22.03 -33.77 9.53
N GLN C 208 22.92 -33.92 10.51
CA GLN C 208 22.60 -34.74 11.67
C GLN C 208 21.53 -34.06 12.52
N HIS C 209 21.52 -32.73 12.54
CA HIS C 209 20.46 -32.04 13.25
C HIS C 209 19.12 -32.32 12.61
N LEU C 210 19.05 -32.26 11.28
CA LEU C 210 17.80 -32.55 10.58
C LEU C 210 17.38 -34.01 10.77
N LEU C 211 18.34 -34.92 10.68
CA LEU C 211 18.03 -36.35 10.80
C LEU C 211 17.49 -36.67 12.19
N ARG C 212 18.06 -36.04 13.23
CA ARG C 212 17.51 -36.17 14.57
C ARG C 212 16.04 -35.76 14.61
N TRP C 213 15.65 -34.76 13.79
CA TRP C 213 14.26 -34.34 13.72
C TRP C 213 13.49 -35.02 12.59
N GLY C 214 14.01 -36.10 12.03
CA GLY C 214 13.26 -36.91 11.10
C GLY C 214 13.39 -36.56 9.63
N LEU C 215 14.23 -35.60 9.27
CA LEU C 215 14.37 -35.19 7.87
C LEU C 215 15.69 -35.71 7.34
N THR C 216 15.61 -36.63 6.38
CA THR C 216 16.76 -37.09 5.64
C THR C 216 17.15 -36.10 4.57
N THR C 217 18.43 -36.12 4.20
CA THR C 217 18.95 -35.24 3.17
C THR C 217 19.69 -36.13 2.20
N PRO C 218 18.99 -36.69 1.23
CA PRO C 218 19.62 -37.66 0.33
C PRO C 218 20.74 -37.01 -0.48
N ASP C 219 21.87 -37.71 -0.57
CA ASP C 219 23.02 -37.20 -1.30
C ASP C 219 22.67 -36.84 -2.74
N LYS C 220 21.76 -37.61 -3.36
CA LYS C 220 21.33 -37.35 -4.73
C LYS C 220 21.02 -35.86 -4.93
N LYS C 221 20.43 -35.21 -3.93
CA LYS C 221 20.06 -33.80 -4.02
C LYS C 221 20.94 -32.90 -3.16
N HIS C 222 22.18 -33.33 -2.90
CA HIS C 222 23.13 -32.57 -2.09
C HIS C 222 24.14 -31.95 -3.04
N GLN C 223 23.93 -30.69 -3.40
CA GLN C 223 24.82 -30.01 -4.34
C GLN C 223 26.03 -29.45 -3.58
N LYS C 224 27.22 -29.83 -4.03
CA LYS C 224 28.45 -29.45 -3.35
C LYS C 224 29.36 -28.58 -4.20
N GLU C 225 29.09 -28.42 -5.50
CA GLU C 225 29.95 -27.70 -6.43
C GLU C 225 29.15 -26.73 -7.28
N PRO C 226 29.72 -25.58 -7.62
CA PRO C 226 29.03 -24.64 -8.50
C PRO C 226 29.07 -25.14 -9.94
N PRO C 227 28.09 -24.76 -10.77
CA PRO C 227 27.03 -23.81 -10.40
C PRO C 227 25.90 -24.50 -9.64
N PHE C 228 25.47 -23.93 -8.52
CA PHE C 228 24.37 -24.52 -7.77
C PHE C 228 23.05 -24.23 -8.48
N LEU C 229 22.19 -25.24 -8.52
CA LEU C 229 20.84 -25.08 -9.07
C LEU C 229 19.90 -24.66 -7.93
N TRP C 230 19.38 -23.43 -8.00
CA TRP C 230 18.61 -22.91 -6.87
C TRP C 230 17.52 -21.96 -7.35
N MET C 231 16.27 -22.29 -7.03
CA MET C 231 15.10 -21.44 -7.30
C MET C 231 14.94 -21.12 -8.79
N GLY C 232 15.43 -21.99 -9.66
CA GLY C 232 15.37 -21.74 -11.09
C GLY C 232 16.55 -20.98 -11.65
N TYR C 233 17.58 -20.74 -10.85
CA TYR C 233 18.79 -20.05 -11.29
C TYR C 233 20.00 -20.96 -11.18
N GLU C 234 21.06 -20.54 -11.86
CA GLU C 234 22.39 -21.12 -11.70
C GLU C 234 23.25 -20.12 -10.93
N LEU C 235 23.74 -20.55 -9.77
CA LEU C 235 24.57 -19.72 -8.90
C LEU C 235 26.01 -20.13 -9.13
N HIS C 236 26.75 -19.31 -9.88
CA HIS C 236 28.20 -19.44 -9.99
C HIS C 236 28.83 -18.66 -8.85
N PRO C 237 30.15 -18.75 -8.69
CA PRO C 237 30.75 -18.03 -7.56
C PRO C 237 30.52 -16.53 -7.61
N ASP C 238 30.60 -15.90 -8.78
CA ASP C 238 30.54 -14.44 -8.86
C ASP C 238 29.37 -13.90 -9.68
N LYS C 239 28.55 -14.76 -10.27
CA LYS C 239 27.43 -14.29 -11.06
C LYS C 239 26.34 -15.35 -11.02
N TRP C 240 25.11 -14.91 -11.27
CA TRP C 240 23.98 -15.82 -11.37
C TRP C 240 23.33 -15.67 -12.74
N THR C 241 22.80 -16.78 -13.24
CA THR C 241 22.07 -16.77 -14.52
C THR C 241 20.70 -17.40 -14.29
N VAL C 242 19.80 -17.15 -15.23
CA VAL C 242 18.49 -17.79 -15.19
C VAL C 242 18.50 -18.90 -16.22
N GLN C 243 17.96 -20.04 -15.84
CA GLN C 243 17.87 -21.15 -16.76
C GLN C 243 16.93 -20.76 -17.90
N PRO C 244 17.27 -21.10 -19.14
CA PRO C 244 16.85 -20.29 -20.29
C PRO C 244 15.34 -20.23 -20.47
N ILE C 245 14.90 -19.20 -21.19
CA ILE C 245 13.49 -18.98 -21.47
C ILE C 245 13.25 -19.28 -22.94
N VAL C 246 12.45 -20.31 -23.20
CA VAL C 246 12.01 -20.64 -24.55
C VAL C 246 10.64 -20.03 -24.75
N LEU C 247 10.55 -19.00 -25.61
CA LEU C 247 9.26 -18.46 -25.98
C LEU C 247 8.60 -19.37 -27.01
N PRO C 248 7.27 -19.51 -26.96
CA PRO C 248 6.57 -20.22 -28.04
C PRO C 248 6.85 -19.60 -29.39
N GLU C 249 6.92 -20.45 -30.41
CA GLU C 249 7.17 -20.04 -31.79
C GLU C 249 5.99 -20.48 -32.67
N LYS C 250 4.78 -20.22 -32.20
CA LYS C 250 3.57 -20.62 -32.92
C LYS C 250 3.19 -19.60 -33.98
N ASP C 251 2.27 -20.00 -34.87
CA ASP C 251 1.78 -19.14 -35.94
C ASP C 251 0.37 -18.62 -35.70
N SER C 252 -0.50 -19.45 -35.14
CA SER C 252 -1.79 -19.03 -34.64
C SER C 252 -1.69 -18.91 -33.12
N TRP C 253 -2.25 -17.83 -32.58
CA TRP C 253 -2.10 -17.53 -31.16
C TRP C 253 -3.46 -17.47 -30.49
N THR C 254 -3.64 -18.26 -29.45
CA THR C 254 -4.82 -18.21 -28.60
C THR C 254 -4.53 -17.37 -27.35
N VAL C 255 -5.61 -17.00 -26.65
CA VAL C 255 -5.47 -16.29 -25.38
C VAL C 255 -4.52 -17.02 -24.46
N ASN C 256 -4.61 -18.35 -24.41
CA ASN C 256 -3.71 -19.14 -23.56
C ASN C 256 -2.26 -19.02 -24.04
N ASP C 257 -2.06 -19.04 -25.36
CA ASP C 257 -0.72 -18.85 -25.91
C ASP C 257 -0.13 -17.52 -25.45
N ILE C 258 -0.95 -16.46 -25.42
CA ILE C 258 -0.48 -15.12 -25.07
C ILE C 258 -0.24 -15.01 -23.56
N CYS C 259 -1.10 -15.63 -22.76
CA CYS C 259 -0.82 -15.69 -21.33
C CYS C 259 0.52 -16.35 -21.08
N LYS C 260 0.83 -17.44 -21.80
CA LYS C 260 2.13 -18.10 -21.62
C LYS C 260 3.27 -17.17 -22.02
N LEU C 261 3.15 -16.54 -23.19
CA LEU C 261 4.17 -15.62 -23.67
C LEU C 261 4.41 -14.48 -22.68
N VAL C 262 3.34 -13.85 -22.21
CA VAL C 262 3.47 -12.71 -21.32
C VAL C 262 4.05 -13.14 -19.97
N GLY C 263 3.64 -14.31 -19.47
CA GLY C 263 4.22 -14.81 -18.23
C GLY C 263 5.72 -15.04 -18.36
N LYS C 264 6.14 -15.64 -19.49
CA LYS C 264 7.57 -15.92 -19.68
C LYS C 264 8.36 -14.63 -19.86
N LEU C 265 7.78 -13.64 -20.53
CA LEU C 265 8.48 -12.37 -20.69
C LEU C 265 8.63 -11.67 -19.35
N ASN C 266 7.57 -11.70 -18.52
CA ASN C 266 7.66 -11.09 -17.21
C ASN C 266 8.74 -11.76 -16.38
N TRP C 267 8.74 -13.09 -16.36
CA TRP C 267 9.81 -13.84 -15.70
C TRP C 267 11.18 -13.41 -16.22
N ALA C 268 11.31 -13.24 -17.54
CA ALA C 268 12.60 -12.88 -18.11
C ALA C 268 13.03 -11.47 -17.73
N SER C 269 12.07 -10.59 -17.42
CA SER C 269 12.43 -9.19 -17.27
C SER C 269 13.22 -8.92 -15.99
N GLN C 270 13.30 -9.89 -15.08
CA GLN C 270 14.13 -9.76 -13.88
C GLN C 270 15.62 -9.68 -14.21
N ILE C 271 16.04 -10.15 -15.38
CA ILE C 271 17.45 -10.04 -15.77
C ILE C 271 17.65 -9.56 -17.19
N TYR C 272 16.64 -9.58 -18.06
CA TYR C 272 16.77 -9.05 -19.42
C TYR C 272 16.28 -7.62 -19.47
N PRO C 273 17.11 -6.66 -19.82
CA PRO C 273 16.64 -5.26 -19.92
C PRO C 273 15.78 -5.02 -21.14
N GLY C 274 14.78 -4.15 -20.99
CA GLY C 274 14.02 -3.65 -22.11
C GLY C 274 12.81 -4.45 -22.52
N ILE C 275 12.41 -5.48 -21.75
CA ILE C 275 11.27 -6.30 -22.13
C ILE C 275 10.00 -5.45 -22.12
N LYS C 276 9.10 -5.72 -23.07
CA LYS C 276 7.85 -4.96 -23.20
C LYS C 276 6.68 -5.90 -23.48
N VAL C 277 5.55 -5.67 -22.81
CA VAL C 277 4.39 -6.54 -22.95
C VAL C 277 3.09 -5.75 -23.13
N ARG C 278 3.20 -4.44 -23.34
CA ARG C 278 2.03 -3.59 -23.46
C ARG C 278 1.06 -4.10 -24.53
N GLN C 279 1.55 -4.18 -25.77
CA GLN C 279 0.70 -4.52 -26.90
C GLN C 279 0.14 -5.94 -26.76
N LEU C 280 1.02 -6.89 -26.43
CA LEU C 280 0.59 -8.27 -26.24
C LEU C 280 -0.44 -8.38 -25.12
N SER C 281 -0.32 -7.57 -24.07
CA SER C 281 -1.28 -7.67 -22.98
C SER C 281 -2.61 -7.03 -23.34
N LYS C 282 -2.61 -5.81 -23.90
CA LYS C 282 -3.85 -5.19 -24.32
C LYS C 282 -4.56 -6.02 -25.38
N LEU C 283 -3.81 -6.87 -26.08
CA LEU C 283 -4.35 -7.86 -27.01
C LEU C 283 -5.21 -8.92 -26.32
N LEU C 284 -5.33 -8.87 -25.00
CA LEU C 284 -6.18 -9.79 -24.23
C LEU C 284 -7.40 -9.10 -23.65
N ARG C 285 -7.60 -7.83 -23.97
CA ARG C 285 -8.73 -7.09 -23.42
C ARG C 285 -10.05 -7.72 -23.87
N GLY C 286 -10.92 -7.99 -22.89
CA GLY C 286 -12.26 -8.46 -23.17
C GLY C 286 -12.33 -9.81 -23.86
N THR C 287 -11.29 -10.62 -23.75
CA THR C 287 -11.28 -11.92 -24.40
C THR C 287 -12.42 -12.80 -23.88
N LYS C 288 -12.69 -13.87 -24.61
CA LYS C 288 -13.78 -14.76 -24.24
C LYS C 288 -13.30 -15.88 -23.33
N ALA C 289 -12.37 -16.69 -23.83
CA ALA C 289 -11.91 -17.86 -23.10
C ALA C 289 -10.50 -18.19 -23.56
N LEU C 290 -9.85 -19.09 -22.82
CA LEU C 290 -8.46 -19.44 -23.10
C LEU C 290 -8.26 -19.89 -24.54
N THR C 291 -9.28 -20.48 -25.16
CA THR C 291 -9.16 -21.06 -26.49
C THR C 291 -9.43 -20.07 -27.62
N GLU C 292 -10.01 -18.90 -27.35
CA GLU C 292 -10.26 -17.94 -28.41
C GLU C 292 -8.96 -17.61 -29.12
N VAL C 293 -9.02 -17.45 -30.43
CA VAL C 293 -7.84 -17.18 -31.26
C VAL C 293 -7.76 -15.68 -31.50
N ILE C 294 -6.68 -15.07 -31.01
CA ILE C 294 -6.43 -13.64 -31.22
C ILE C 294 -5.49 -13.46 -32.40
N PRO C 295 -5.74 -12.50 -33.30
CA PRO C 295 -4.76 -12.17 -34.32
C PRO C 295 -3.77 -11.12 -33.82
N LEU C 296 -2.48 -11.39 -33.97
CA LEU C 296 -1.46 -10.44 -33.54
C LEU C 296 -1.59 -9.15 -34.33
N THR C 297 -1.90 -8.05 -33.64
CA THR C 297 -1.81 -6.75 -34.29
C THR C 297 -0.36 -6.46 -34.65
N GLU C 298 -0.17 -5.59 -35.65
CA GLU C 298 1.19 -5.28 -36.10
C GLU C 298 2.03 -4.67 -34.98
N GLU C 299 1.40 -3.95 -34.04
CA GLU C 299 2.11 -3.46 -32.87
C GLU C 299 2.59 -4.61 -32.00
N ALA C 300 1.70 -5.57 -31.73
CA ALA C 300 2.09 -6.75 -30.96
C ALA C 300 3.15 -7.54 -31.69
N GLU C 301 3.03 -7.67 -33.01
CA GLU C 301 4.06 -8.29 -33.83
C GLU C 301 5.43 -7.69 -33.56
N LEU C 302 5.53 -6.36 -33.69
CA LEU C 302 6.80 -5.66 -33.51
C LEU C 302 7.33 -5.83 -32.10
N GLU C 303 6.45 -5.71 -31.10
CA GLU C 303 6.88 -5.84 -29.71
C GLU C 303 7.47 -7.22 -29.47
N LEU C 304 6.76 -8.26 -29.94
CA LEU C 304 7.24 -9.62 -29.79
C LEU C 304 8.58 -9.82 -30.47
N ALA C 305 8.76 -9.22 -31.65
CA ALA C 305 10.04 -9.35 -32.32
C ALA C 305 11.17 -8.71 -31.50
N GLU C 306 10.91 -7.52 -30.96
CA GLU C 306 11.94 -6.86 -30.15
C GLU C 306 12.31 -7.72 -28.95
N ASN C 307 11.30 -8.25 -28.26
CA ASN C 307 11.53 -9.16 -27.13
C ASN C 307 12.34 -10.39 -27.55
N ARG C 308 12.05 -10.97 -28.71
CA ARG C 308 12.80 -12.14 -29.15
C ARG C 308 14.27 -11.80 -29.37
N GLU C 309 14.53 -10.66 -29.97
CA GLU C 309 15.93 -10.26 -30.14
C GLU C 309 16.59 -10.05 -28.79
N ILE C 310 15.91 -9.33 -27.88
CA ILE C 310 16.40 -9.16 -26.52
C ILE C 310 16.77 -10.50 -25.89
N LEU C 311 15.91 -11.49 -26.07
CA LEU C 311 16.14 -12.76 -25.38
C LEU C 311 17.24 -13.58 -26.03
N LYS C 312 17.58 -13.29 -27.29
CA LYS C 312 18.75 -13.98 -27.89
C LYS C 312 20.09 -13.59 -27.25
N GLU C 313 20.11 -12.66 -26.29
CA GLU C 313 21.33 -12.08 -25.72
C GLU C 313 21.76 -12.81 -24.45
N PRO C 314 23.08 -12.83 -24.19
CA PRO C 314 23.60 -13.42 -22.95
C PRO C 314 23.68 -12.41 -21.83
N VAL C 315 23.24 -12.81 -20.63
CA VAL C 315 23.06 -11.87 -19.54
C VAL C 315 23.15 -12.59 -18.22
N HIS C 316 23.50 -11.86 -17.17
CA HIS C 316 23.67 -12.44 -15.85
C HIS C 316 23.54 -11.35 -14.81
N GLY C 317 23.37 -11.78 -13.55
CA GLY C 317 23.34 -10.88 -12.42
C GLY C 317 24.59 -11.07 -11.58
N VAL C 318 24.71 -10.21 -10.58
CA VAL C 318 25.76 -10.27 -9.60
C VAL C 318 25.12 -10.30 -8.23
N TYR C 319 25.93 -10.45 -7.19
CA TYR C 319 25.40 -10.59 -5.85
C TYR C 319 25.50 -9.26 -5.10
N TYR C 320 24.74 -9.17 -4.02
CA TYR C 320 24.68 -7.97 -3.20
C TYR C 320 25.93 -7.80 -2.34
N ASP C 321 26.50 -6.60 -2.39
CA ASP C 321 27.56 -6.16 -1.48
C ASP C 321 26.99 -5.10 -0.54
N PRO C 322 26.72 -5.41 0.72
CA PRO C 322 25.97 -4.47 1.57
C PRO C 322 26.75 -3.23 1.98
N SER C 323 28.05 -3.19 1.71
CA SER C 323 28.88 -2.04 2.01
C SER C 323 28.84 -0.98 0.92
N LYS C 324 28.02 -1.17 -0.10
CA LYS C 324 27.94 -0.25 -1.23
C LYS C 324 26.50 0.14 -1.47
N ASP C 325 26.32 1.33 -2.02
CA ASP C 325 24.99 1.83 -2.33
C ASP C 325 24.32 0.97 -3.38
N LEU C 326 22.99 0.90 -3.31
CA LEU C 326 22.17 0.38 -4.39
C LEU C 326 21.80 1.54 -5.30
N ILE C 327 22.01 1.37 -6.59
CA ILE C 327 21.62 2.35 -7.60
C ILE C 327 20.55 1.75 -8.49
N ALA C 328 19.48 2.50 -8.71
CA ALA C 328 18.41 2.10 -9.63
C ALA C 328 18.29 3.16 -10.72
N GLU C 329 18.51 2.75 -11.96
CA GLU C 329 18.38 3.63 -13.12
C GLU C 329 17.13 3.26 -13.91
N ILE C 330 16.26 4.24 -14.14
CA ILE C 330 15.01 4.02 -14.88
C ILE C 330 15.14 4.57 -16.29
N GLN C 331 14.53 3.86 -17.26
CA GLN C 331 14.43 4.29 -18.63
C GLN C 331 12.98 4.21 -19.10
N LYS C 332 12.62 5.14 -19.98
CA LYS C 332 11.26 5.25 -20.49
C LYS C 332 11.19 4.64 -21.88
N GLN C 333 10.14 3.85 -22.13
CA GLN C 333 9.59 3.61 -23.46
C GLN C 333 8.14 4.07 -23.45
N GLY C 334 7.52 4.05 -24.63
CA GLY C 334 6.24 4.68 -24.78
C GLY C 334 5.13 3.93 -24.05
N GLN C 335 3.90 4.35 -24.36
CA GLN C 335 2.64 3.72 -23.90
C GLN C 335 2.66 3.40 -22.40
N GLY C 336 3.33 4.22 -21.60
CA GLY C 336 3.35 3.95 -20.18
C GLY C 336 4.17 2.72 -19.82
N GLN C 337 5.33 2.56 -20.46
CA GLN C 337 6.23 1.43 -20.21
C GLN C 337 7.58 1.93 -19.77
N TRP C 338 8.15 1.26 -18.78
CA TRP C 338 9.42 1.65 -18.18
C TRP C 338 10.24 0.40 -17.88
N THR C 339 11.55 0.52 -18.03
CA THR C 339 12.42 -0.52 -17.51
C THR C 339 13.39 0.09 -16.52
N TYR C 340 14.07 -0.77 -15.76
CA TYR C 340 15.04 -0.29 -14.80
C TYR C 340 16.12 -1.34 -14.56
N GLN C 341 17.29 -0.84 -14.13
CA GLN C 341 18.38 -1.70 -13.69
C GLN C 341 18.79 -1.30 -12.29
N ILE C 342 19.03 -2.30 -11.44
CA ILE C 342 19.55 -2.10 -10.10
C ILE C 342 20.94 -2.71 -10.04
N TYR C 343 21.92 -1.87 -9.71
CA TYR C 343 23.33 -2.23 -9.75
C TYR C 343 24.07 -1.47 -8.66
N GLN C 344 25.34 -1.83 -8.46
CA GLN C 344 26.18 -1.19 -7.46
C GLN C 344 27.43 -0.59 -8.07
N GLU C 345 28.15 -1.38 -8.95
CA GLU C 345 29.21 -1.15 -9.92
C GLU C 345 28.60 -0.87 -11.29
N PRO C 346 29.26 -0.04 -12.10
CA PRO C 346 28.56 0.62 -13.22
C PRO C 346 27.81 -0.29 -14.18
N PHE C 347 28.46 -1.32 -14.72
CA PHE C 347 27.82 -2.15 -15.73
C PHE C 347 27.59 -3.58 -15.24
N LYS C 348 27.25 -3.73 -13.96
CA LYS C 348 27.08 -5.03 -13.33
C LYS C 348 25.73 -5.06 -12.61
N ASN C 349 24.68 -5.37 -13.35
CA ASN C 349 23.34 -5.40 -12.79
C ASN C 349 23.24 -6.41 -11.66
N LEU C 350 22.67 -5.97 -10.54
CA LEU C 350 22.12 -6.95 -9.60
C LEU C 350 20.88 -7.57 -10.19
N LYS C 351 19.97 -6.74 -10.67
CA LYS C 351 18.83 -7.27 -11.40
C LYS C 351 18.27 -6.17 -12.29
N THR C 352 17.22 -6.52 -13.03
CA THR C 352 16.50 -5.57 -13.85
C THR C 352 15.01 -5.76 -13.57
N GLY C 353 14.21 -4.86 -14.15
CA GLY C 353 12.77 -4.98 -14.03
C GLY C 353 12.08 -4.11 -15.05
N LYS C 354 10.74 -4.21 -15.07
CA LYS C 354 9.89 -3.39 -15.89
C LYS C 354 8.70 -2.93 -15.06
N TYR C 355 8.22 -1.72 -15.36
CA TYR C 355 6.97 -1.24 -14.79
C TYR C 355 6.11 -0.71 -15.92
N ALA C 356 4.91 -1.26 -16.07
CA ALA C 356 4.05 -0.77 -17.15
C ALA C 356 2.59 -0.71 -16.74
N ARG C 357 2.30 -0.55 -15.45
CA ARG C 357 0.91 -0.56 -15.01
C ARG C 357 0.25 0.76 -15.35
N MET C 358 -0.94 0.69 -15.93
CA MET C 358 -1.73 1.88 -16.24
C MET C 358 -2.63 2.19 -15.05
N ARG C 359 -2.34 3.29 -14.36
CA ARG C 359 -3.12 3.77 -13.23
C ARG C 359 -3.93 4.98 -13.68
N GLY C 360 -5.26 4.86 -13.62
CA GLY C 360 -6.10 6.01 -13.87
C GLY C 360 -6.52 6.25 -15.30
N ALA C 361 -7.75 6.74 -15.47
CA ALA C 361 -8.24 7.16 -16.78
C ALA C 361 -7.28 8.15 -17.46
N HIS C 362 -6.73 9.10 -16.69
CA HIS C 362 -5.88 10.13 -17.27
C HIS C 362 -4.66 10.33 -16.39
N THR C 363 -3.51 10.52 -17.03
CA THR C 363 -2.24 10.58 -16.32
C THR C 363 -1.21 11.23 -17.22
N ASN C 364 -0.03 11.51 -16.65
CA ASN C 364 1.10 11.94 -17.46
C ASN C 364 2.37 11.17 -17.13
N ASP C 365 3.47 11.57 -17.73
CA ASP C 365 4.71 10.82 -17.59
C ASP C 365 5.37 11.02 -16.24
N VAL C 366 5.16 12.19 -15.60
CA VAL C 366 5.75 12.40 -14.28
C VAL C 366 5.08 11.51 -13.24
N LYS C 367 3.74 11.41 -13.28
CA LYS C 367 3.05 10.48 -12.39
C LYS C 367 3.56 9.04 -12.58
N GLN C 368 3.67 8.59 -13.83
CA GLN C 368 4.07 7.21 -14.08
C GLN C 368 5.51 6.96 -13.60
N LEU C 369 6.38 7.97 -13.74
CA LEU C 369 7.73 7.86 -13.19
C LEU C 369 7.71 7.75 -11.67
N THR C 370 6.85 8.55 -11.01
CA THR C 370 6.77 8.48 -9.55
C THR C 370 6.29 7.10 -9.09
N GLU C 371 5.34 6.52 -9.82
CA GLU C 371 4.86 5.22 -9.38
C GLU C 371 5.87 4.10 -9.71
N ALA C 372 6.65 4.25 -10.78
CA ALA C 372 7.75 3.32 -11.02
C ALA C 372 8.79 3.39 -9.90
N VAL C 373 9.14 4.61 -9.47
CA VAL C 373 10.05 4.79 -8.34
C VAL C 373 9.50 4.09 -7.10
N GLN C 374 8.20 4.23 -6.85
CA GLN C 374 7.61 3.58 -5.68
C GLN C 374 7.72 2.06 -5.78
N LYS C 375 7.35 1.50 -6.93
CA LYS C 375 7.44 0.05 -7.12
C LYS C 375 8.85 -0.44 -6.87
N ILE C 376 9.85 0.29 -7.41
CA ILE C 376 11.24 -0.14 -7.25
C ILE C 376 11.68 -0.03 -5.79
N THR C 377 11.22 1.01 -5.09
CA THR C 377 11.62 1.19 -3.70
C THR C 377 11.15 0.01 -2.86
N THR C 378 9.87 -0.37 -3.02
CA THR C 378 9.39 -1.43 -2.15
C THR C 378 9.98 -2.78 -2.55
N GLU C 379 10.22 -2.99 -3.85
CA GLU C 379 10.91 -4.21 -4.26
C GLU C 379 12.31 -4.28 -3.64
N SER C 380 13.04 -3.15 -3.67
CA SER C 380 14.36 -3.09 -3.05
C SER C 380 14.30 -3.38 -1.56
N ILE C 381 13.24 -2.93 -0.90
CA ILE C 381 13.17 -3.17 0.53
C ILE C 381 12.97 -4.65 0.81
N VAL C 382 12.08 -5.30 0.05
CA VAL C 382 11.93 -6.76 0.16
C VAL C 382 13.28 -7.46 -0.06
N ILE C 383 13.96 -7.14 -1.16
CA ILE C 383 15.11 -7.96 -1.56
C ILE C 383 16.34 -7.65 -0.71
N TRP C 384 16.66 -6.37 -0.52
CA TRP C 384 17.86 -5.94 0.20
C TRP C 384 17.58 -5.21 1.53
N GLY C 385 16.32 -4.97 1.88
CA GLY C 385 16.04 -4.31 3.14
C GLY C 385 16.48 -2.87 3.23
N LYS C 386 16.74 -2.23 2.09
CA LYS C 386 17.06 -0.81 2.10
C LYS C 386 16.63 -0.20 0.78
N THR C 387 16.61 1.12 0.74
CA THR C 387 16.13 1.87 -0.40
C THR C 387 17.29 2.23 -1.32
N PRO C 388 17.14 2.19 -2.65
CA PRO C 388 18.26 2.55 -3.52
C PRO C 388 18.28 4.04 -3.85
N LYS C 389 19.42 4.49 -4.35
CA LYS C 389 19.57 5.82 -4.90
C LYS C 389 19.22 5.80 -6.38
N PHE C 390 18.44 6.76 -6.83
CA PHE C 390 17.86 6.70 -8.17
C PHE C 390 18.61 7.57 -9.17
N LYS C 391 18.61 7.09 -10.42
CA LYS C 391 19.10 7.82 -11.58
C LYS C 391 17.96 7.82 -12.58
N LEU C 392 17.43 9.02 -12.86
CA LEU C 392 16.15 9.23 -13.54
C LEU C 392 16.31 10.14 -14.76
N PRO C 393 15.60 9.86 -15.85
CA PRO C 393 15.64 10.71 -17.06
C PRO C 393 14.71 11.92 -16.99
N ILE C 394 14.79 12.69 -15.91
CA ILE C 394 13.93 13.84 -15.70
C ILE C 394 14.76 14.98 -15.10
N GLN C 395 14.71 16.15 -15.73
CA GLN C 395 15.48 17.28 -15.23
C GLN C 395 14.95 17.73 -13.88
N LYS C 396 15.87 18.20 -13.03
CA LYS C 396 15.48 18.66 -11.70
C LYS C 396 14.41 19.75 -11.79
N GLU C 397 14.50 20.63 -12.79
CA GLU C 397 13.54 21.72 -12.93
C GLU C 397 12.16 21.20 -13.33
N THR C 398 12.10 20.18 -14.20
CA THR C 398 10.82 19.56 -14.52
C THR C 398 10.12 19.10 -13.23
N TRP C 399 10.85 18.35 -12.40
CA TRP C 399 10.29 17.86 -11.15
C TRP C 399 9.91 19.02 -10.23
N GLU C 400 10.73 20.05 -10.16
CA GLU C 400 10.43 21.21 -9.33
C GLU C 400 9.11 21.86 -9.74
N THR C 401 8.98 22.16 -11.04
CA THR C 401 7.73 22.69 -11.60
C THR C 401 6.53 21.83 -11.21
N TRP C 402 6.65 20.51 -11.39
CA TRP C 402 5.51 19.63 -11.15
C TRP C 402 5.13 19.63 -9.68
N TRP C 403 6.12 19.51 -8.80
CA TRP C 403 5.85 19.42 -7.37
C TRP C 403 5.33 20.75 -6.84
N THR C 404 5.69 21.86 -7.48
CA THR C 404 5.11 23.15 -7.14
C THR C 404 3.65 23.22 -7.59
N GLU C 405 3.40 22.91 -8.87
CA GLU C 405 2.06 23.00 -9.43
C GLU C 405 1.11 21.96 -8.85
N TYR C 406 1.56 20.71 -8.69
CA TYR C 406 0.66 19.62 -8.37
C TYR C 406 0.06 19.79 -6.99
N TRP C 407 -1.27 19.67 -6.90
CA TRP C 407 -1.94 19.96 -5.64
C TRP C 407 -1.86 18.80 -4.64
N GLN C 408 -1.25 17.68 -5.01
CA GLN C 408 -1.12 16.52 -4.13
C GLN C 408 0.28 16.44 -3.53
N ALA C 409 0.37 15.70 -2.43
CA ALA C 409 1.67 15.38 -1.86
C ALA C 409 2.35 14.34 -2.74
N THR C 410 3.56 14.65 -3.19
CA THR C 410 4.29 13.74 -4.06
C THR C 410 5.77 13.90 -3.76
N TRP C 411 6.51 12.80 -3.84
CA TRP C 411 7.92 12.86 -3.46
C TRP C 411 8.71 11.73 -4.11
N ILE C 412 9.96 12.02 -4.46
CA ILE C 412 10.91 11.04 -4.98
C ILE C 412 12.14 11.05 -4.09
N PRO C 413 12.67 9.90 -3.71
CA PRO C 413 13.86 9.88 -2.84
C PRO C 413 15.11 10.37 -3.56
N GLU C 414 16.26 10.26 -2.88
CA GLU C 414 17.52 10.78 -3.40
C GLU C 414 17.73 10.37 -4.85
N TRP C 415 17.85 11.36 -5.73
CA TRP C 415 17.92 11.02 -7.15
C TRP C 415 18.75 12.06 -7.90
N GLU C 416 19.37 11.59 -8.98
CA GLU C 416 20.25 12.38 -9.84
C GLU C 416 19.76 12.25 -11.27
N PHE C 417 19.88 13.33 -12.03
CA PHE C 417 19.38 13.36 -13.39
C PHE C 417 20.30 12.58 -14.31
N VAL C 418 19.69 11.85 -15.23
CA VAL C 418 20.41 11.00 -16.18
C VAL C 418 20.01 11.44 -17.59
N ASN C 419 21.00 11.74 -18.41
CA ASN C 419 20.77 12.43 -19.67
C ASN C 419 20.43 11.49 -20.82
N THR C 420 19.87 10.32 -20.53
CA THR C 420 19.50 9.38 -21.57
C THR C 420 18.06 9.63 -22.01
N PRO C 421 17.83 10.07 -23.23
CA PRO C 421 16.44 10.25 -23.69
C PRO C 421 15.77 8.91 -23.89
N PRO C 422 14.42 8.87 -24.00
CA PRO C 422 13.46 9.96 -23.94
C PRO C 422 13.39 10.64 -22.58
N LEU C 423 13.70 11.92 -22.50
CA LEU C 423 13.53 12.66 -21.25
C LEU C 423 12.06 12.80 -20.92
N VAL C 424 11.75 12.67 -19.64
CA VAL C 424 10.39 12.82 -19.14
C VAL C 424 10.14 14.30 -18.93
N LYS C 425 9.05 14.81 -19.50
CA LYS C 425 8.76 16.23 -19.40
C LYS C 425 7.26 16.44 -19.33
N LEU C 426 6.86 17.58 -18.78
CA LEU C 426 5.52 18.08 -18.92
C LEU C 426 5.35 18.72 -20.30
N TRP C 427 4.23 18.44 -20.95
CA TRP C 427 4.12 18.86 -22.34
C TRP C 427 3.40 20.19 -22.50
N TYR C 428 2.70 20.65 -21.47
CA TYR C 428 2.16 21.99 -21.47
C TYR C 428 2.03 22.43 -20.01
N GLN C 429 1.83 23.72 -19.82
CA GLN C 429 1.70 24.28 -18.49
C GLN C 429 0.56 25.30 -18.51
N LEU C 430 -0.42 25.13 -17.62
CA LEU C 430 -1.46 26.13 -17.47
C LEU C 430 -0.90 27.42 -16.87
N GLU C 431 -1.42 28.55 -17.32
CA GLU C 431 -1.02 29.83 -16.73
C GLU C 431 -1.59 29.96 -15.33
N LYS C 432 -0.85 30.67 -14.47
CA LYS C 432 -1.41 31.01 -13.15
C LYS C 432 -2.31 32.25 -13.19
N GLU C 433 -2.17 33.14 -14.17
CA GLU C 433 -2.97 34.34 -14.25
C GLU C 433 -3.62 34.44 -15.63
N PRO C 434 -4.73 35.18 -15.76
CA PRO C 434 -5.33 35.34 -17.08
C PRO C 434 -4.40 36.11 -18.01
N ILE C 435 -4.53 35.86 -19.31
CA ILE C 435 -3.59 36.37 -20.31
C ILE C 435 -4.15 37.68 -20.90
N VAL C 436 -3.31 38.72 -20.87
CA VAL C 436 -3.65 39.97 -21.54
C VAL C 436 -3.59 39.77 -23.04
N GLY C 437 -4.62 40.22 -23.76
CA GLY C 437 -4.64 40.13 -25.20
C GLY C 437 -5.14 38.84 -25.77
N ALA C 438 -5.46 37.85 -24.93
CA ALA C 438 -6.00 36.59 -25.40
C ALA C 438 -7.50 36.59 -25.24
N GLU C 439 -8.21 36.14 -26.27
CA GLU C 439 -9.67 36.14 -26.25
C GLU C 439 -10.18 35.26 -25.10
N THR C 440 -11.30 35.68 -24.50
CA THR C 440 -11.90 34.98 -23.36
C THR C 440 -13.13 34.19 -23.82
N PHE C 441 -13.02 32.86 -23.82
CA PHE C 441 -14.13 31.95 -24.15
C PHE C 441 -14.83 31.55 -22.86
N TYR C 442 -16.14 31.76 -22.80
CA TYR C 442 -16.98 31.16 -21.77
C TYR C 442 -17.66 29.94 -22.37
N VAL C 443 -17.35 28.76 -21.83
CA VAL C 443 -17.76 27.50 -22.44
C VAL C 443 -18.78 26.83 -21.56
N ASP C 444 -19.58 25.97 -22.18
CA ASP C 444 -20.49 25.16 -21.37
C ASP C 444 -21.03 24.03 -22.23
N GLY C 445 -21.61 23.06 -21.52
CA GLY C 445 -22.26 21.92 -22.13
C GLY C 445 -23.47 21.55 -21.30
N ALA C 446 -24.54 21.13 -21.98
CA ALA C 446 -25.69 20.53 -21.33
C ALA C 446 -26.02 19.24 -22.06
N ALA C 447 -26.58 18.29 -21.32
CA ALA C 447 -26.98 17.01 -21.89
C ALA C 447 -28.28 16.56 -21.24
N ASN C 448 -29.18 16.03 -22.06
CA ASN C 448 -30.46 15.53 -21.58
C ASN C 448 -30.30 14.08 -21.15
N ARG C 449 -30.65 13.78 -19.90
CA ARG C 449 -30.42 12.43 -19.38
C ARG C 449 -31.38 11.42 -20.01
N GLU C 450 -32.55 11.87 -20.45
CA GLU C 450 -33.49 10.93 -21.05
C GLU C 450 -33.06 10.56 -22.47
N THR C 451 -32.94 11.56 -23.35
CA THR C 451 -32.65 11.33 -24.76
C THR C 451 -31.16 11.15 -25.06
N LYS C 452 -30.29 11.50 -24.13
CA LYS C 452 -28.84 11.53 -24.33
C LYS C 452 -28.40 12.57 -25.37
N LEU C 453 -29.31 13.40 -25.88
CA LEU C 453 -28.92 14.48 -26.77
C LEU C 453 -28.33 15.64 -25.97
N GLY C 454 -27.35 16.33 -26.55
CA GLY C 454 -26.63 17.34 -25.82
C GLY C 454 -26.17 18.48 -26.71
N LYS C 455 -25.65 19.52 -26.07
CA LYS C 455 -25.06 20.64 -26.77
C LYS C 455 -23.82 21.11 -26.02
N ALA C 456 -22.83 21.57 -26.81
CA ALA C 456 -21.58 22.12 -26.31
C ALA C 456 -21.30 23.41 -27.03
N GLY C 457 -20.70 24.39 -26.34
CA GLY C 457 -20.46 25.62 -27.06
C GLY C 457 -19.70 26.64 -26.26
N TYR C 458 -19.51 27.80 -26.90
CA TYR C 458 -18.84 28.92 -26.28
C TYR C 458 -19.48 30.22 -26.75
N VAL C 459 -19.39 31.25 -25.90
CA VAL C 459 -19.43 32.65 -26.34
C VAL C 459 -18.08 33.26 -26.00
N THR C 460 -17.71 34.32 -26.71
CA THR C 460 -16.44 34.98 -26.46
C THR C 460 -16.67 36.47 -26.24
N ASN C 461 -15.77 37.08 -25.46
CA ASN C 461 -15.89 38.50 -25.19
C ASN C 461 -15.78 39.33 -26.47
N ARG C 462 -15.21 38.80 -27.53
CA ARG C 462 -15.13 39.51 -28.80
C ARG C 462 -16.35 39.23 -29.69
N GLY C 463 -17.42 38.65 -29.14
CA GLY C 463 -18.68 38.53 -29.85
C GLY C 463 -18.90 37.24 -30.61
N ARG C 464 -17.94 36.32 -30.62
CA ARG C 464 -18.14 35.06 -31.32
C ARG C 464 -18.92 34.09 -30.44
N GLN C 465 -19.81 33.33 -31.07
CA GLN C 465 -20.57 32.28 -30.39
C GLN C 465 -20.68 31.06 -31.30
N LYS C 466 -20.62 29.88 -30.69
CA LYS C 466 -20.81 28.63 -31.41
C LYS C 466 -21.45 27.58 -30.52
N VAL C 467 -22.35 26.80 -31.11
CA VAL C 467 -23.04 25.71 -30.43
C VAL C 467 -23.03 24.49 -31.34
N VAL C 468 -22.52 23.37 -30.83
CA VAL C 468 -22.49 22.09 -31.54
C VAL C 468 -23.46 21.14 -30.85
N THR C 469 -24.27 20.43 -31.64
CA THR C 469 -25.15 19.41 -31.11
C THR C 469 -24.45 18.05 -31.07
N LEU C 470 -24.78 17.26 -30.06
CA LEU C 470 -24.13 15.98 -29.82
C LEU C 470 -25.19 14.91 -29.53
N THR C 471 -24.96 13.69 -30.01
CA THR C 471 -25.86 12.58 -29.72
C THR C 471 -25.18 11.59 -28.79
N ASP C 472 -25.99 10.89 -28.00
CA ASP C 472 -25.55 9.81 -27.12
C ASP C 472 -24.36 10.26 -26.27
N THR C 473 -24.62 11.26 -25.44
CA THR C 473 -23.56 11.96 -24.71
C THR C 473 -24.01 12.15 -23.27
N THR C 474 -23.12 12.78 -22.48
CA THR C 474 -23.33 13.01 -21.06
C THR C 474 -22.90 14.42 -20.72
N ASN C 475 -23.37 14.91 -19.57
CA ASN C 475 -23.00 16.27 -19.14
C ASN C 475 -21.49 16.44 -19.10
N GLN C 476 -20.80 15.46 -18.52
CA GLN C 476 -19.34 15.54 -18.42
C GLN C 476 -18.71 15.59 -19.80
N LYS C 477 -19.22 14.78 -20.73
CA LYS C 477 -18.69 14.77 -22.09
C LYS C 477 -18.97 16.10 -22.79
N THR C 478 -20.14 16.70 -22.57
CA THR C 478 -20.39 17.99 -23.21
C THR C 478 -19.50 19.09 -22.65
N GLU C 479 -19.15 19.02 -21.35
CA GLU C 479 -18.22 20.02 -20.81
C GLU C 479 -16.84 19.87 -21.44
N LEU C 480 -16.37 18.62 -21.59
CA LEU C 480 -15.09 18.41 -22.27
C LEU C 480 -15.14 18.86 -23.72
N GLN C 481 -16.26 18.59 -24.41
CA GLN C 481 -16.41 19.00 -25.80
C GLN C 481 -16.40 20.52 -25.95
N ALA C 482 -17.05 21.24 -25.02
CA ALA C 482 -17.02 22.69 -25.09
C ALA C 482 -15.59 23.21 -24.94
N ILE C 483 -14.83 22.63 -23.99
CA ILE C 483 -13.43 23.05 -23.85
C ILE C 483 -12.66 22.78 -25.14
N TYR C 484 -12.81 21.57 -25.69
CA TYR C 484 -12.15 21.19 -26.94
C TYR C 484 -12.49 22.16 -28.07
N LEU C 485 -13.74 22.60 -28.14
CA LEU C 485 -14.20 23.49 -29.19
C LEU C 485 -13.57 24.88 -29.04
N ALA C 486 -13.55 25.41 -27.82
CA ALA C 486 -12.86 26.68 -27.57
C ALA C 486 -11.38 26.57 -27.95
N LEU C 487 -10.76 25.43 -27.67
CA LEU C 487 -9.38 25.23 -28.08
C LEU C 487 -9.23 25.24 -29.60
N GLN C 488 -10.16 24.60 -30.32
CA GLN C 488 -10.04 24.54 -31.77
C GLN C 488 -10.20 25.93 -32.39
N ASP C 489 -11.07 26.76 -31.83
CA ASP C 489 -11.48 27.99 -32.48
C ASP C 489 -10.76 29.23 -31.93
N SER C 490 -9.69 29.04 -31.15
CA SER C 490 -8.97 30.15 -30.54
C SER C 490 -7.56 30.23 -31.11
N GLY C 491 -6.89 31.35 -30.83
CA GLY C 491 -5.54 31.54 -31.26
C GLY C 491 -4.56 30.87 -30.33
N LEU C 492 -3.27 31.11 -30.58
CA LEU C 492 -2.20 30.53 -29.78
C LEU C 492 -2.31 30.86 -28.29
N GLU C 493 -3.00 31.94 -27.91
CA GLU C 493 -3.21 32.28 -26.51
C GLU C 493 -4.70 32.43 -26.29
N VAL C 494 -5.20 31.92 -25.15
CA VAL C 494 -6.64 31.85 -24.94
C VAL C 494 -6.95 31.74 -23.45
N ASN C 495 -7.97 32.47 -23.02
CA ASN C 495 -8.56 32.33 -21.70
C ASN C 495 -9.83 31.52 -21.86
N ILE C 496 -9.99 30.47 -21.05
CA ILE C 496 -11.21 29.66 -21.06
C ILE C 496 -11.79 29.64 -19.65
N VAL C 497 -13.08 29.98 -19.54
CA VAL C 497 -13.85 29.93 -18.30
C VAL C 497 -14.88 28.81 -18.44
N THR C 498 -14.76 27.80 -17.59
CA THR C 498 -15.67 26.66 -17.52
C THR C 498 -16.39 26.70 -16.17
N ASP C 499 -17.54 26.02 -16.10
CA ASP C 499 -18.18 25.78 -14.82
C ASP C 499 -18.05 24.33 -14.34
N SER C 500 -17.34 23.48 -15.08
CA SER C 500 -17.24 22.06 -14.75
C SER C 500 -16.00 21.81 -13.91
N GLN C 501 -16.19 21.47 -12.63
CA GLN C 501 -15.00 21.13 -11.88
C GLN C 501 -14.48 19.75 -12.24
N TYR C 502 -15.32 18.90 -12.84
CA TYR C 502 -14.84 17.69 -13.50
C TYR C 502 -13.77 18.00 -14.55
N ALA C 503 -14.12 18.81 -15.56
CA ALA C 503 -13.16 19.11 -16.63
C ALA C 503 -11.95 19.85 -16.09
N LEU C 504 -12.17 20.82 -15.20
CA LEU C 504 -11.07 21.53 -14.59
C LEU C 504 -10.13 20.59 -13.84
N GLY C 505 -10.69 19.65 -13.08
CA GLY C 505 -9.86 18.71 -12.35
C GLY C 505 -9.01 17.85 -13.28
N ILE C 506 -9.58 17.47 -14.43
CA ILE C 506 -8.79 16.70 -15.39
C ILE C 506 -7.66 17.55 -15.95
N ILE C 507 -7.99 18.71 -16.52
CA ILE C 507 -6.99 19.43 -17.29
C ILE C 507 -5.92 20.03 -16.37
N GLN C 508 -6.32 20.45 -15.17
CA GLN C 508 -5.39 21.02 -14.19
C GLN C 508 -4.23 20.10 -13.86
N ALA C 509 -4.46 18.77 -13.83
CA ALA C 509 -3.41 17.81 -13.51
C ALA C 509 -2.51 17.49 -14.69
N GLN C 510 -2.65 18.22 -15.77
CA GLN C 510 -1.73 18.22 -16.91
C GLN C 510 -1.52 16.86 -17.54
N PRO C 511 -2.57 16.13 -17.90
CA PRO C 511 -2.37 14.81 -18.53
C PRO C 511 -1.72 14.94 -19.91
N ASP C 512 -0.90 13.94 -20.24
CA ASP C 512 -0.46 13.75 -21.61
C ASP C 512 -0.93 12.43 -22.23
N GLN C 513 -1.50 11.53 -21.42
CA GLN C 513 -2.14 10.31 -21.90
C GLN C 513 -3.53 10.20 -21.31
N SER C 514 -4.42 9.55 -22.05
CA SER C 514 -5.76 9.31 -21.55
C SER C 514 -6.35 8.14 -22.30
N GLU C 515 -7.32 7.48 -21.67
CA GLU C 515 -8.08 6.43 -22.34
C GLU C 515 -9.30 6.99 -23.07
N SER C 516 -9.56 8.29 -22.94
CA SER C 516 -10.63 8.94 -23.65
C SER C 516 -10.08 9.56 -24.94
N GLU C 517 -10.76 9.30 -26.07
CA GLU C 517 -10.33 9.93 -27.31
C GLU C 517 -10.49 11.44 -27.23
N LEU C 518 -11.58 11.90 -26.63
CA LEU C 518 -11.84 13.33 -26.51
C LEU C 518 -10.76 14.02 -25.68
N VAL C 519 -10.42 13.45 -24.52
CA VAL C 519 -9.36 14.04 -23.70
C VAL C 519 -8.03 14.02 -24.44
N ASN C 520 -7.78 12.97 -25.24
CA ASN C 520 -6.56 12.97 -26.05
C ASN C 520 -6.55 14.12 -27.07
N GLN C 521 -7.68 14.37 -27.73
CA GLN C 521 -7.78 15.49 -28.67
C GLN C 521 -7.52 16.82 -27.96
N ILE C 522 -8.09 16.95 -26.75
CA ILE C 522 -7.88 18.16 -25.95
C ILE C 522 -6.40 18.31 -25.61
N ILE C 523 -5.74 17.21 -25.23
CA ILE C 523 -4.32 17.27 -24.89
C ILE C 523 -3.51 17.73 -26.09
N GLU C 524 -3.85 17.24 -27.28
CA GLU C 524 -3.14 17.66 -28.48
C GLU C 524 -3.28 19.18 -28.70
N GLN C 525 -4.51 19.68 -28.54
CA GLN C 525 -4.72 21.13 -28.64
C GLN C 525 -3.90 21.89 -27.59
N LEU C 526 -3.95 21.45 -26.34
CA LEU C 526 -3.20 22.11 -25.27
C LEU C 526 -1.70 22.15 -25.57
N ILE C 527 -1.18 21.07 -26.16
CA ILE C 527 0.24 21.07 -26.50
C ILE C 527 0.50 22.07 -27.61
N LYS C 528 -0.48 22.29 -28.50
CA LYS C 528 -0.26 23.24 -29.60
C LYS C 528 -0.18 24.69 -29.10
N LYS C 529 -0.97 25.04 -28.07
CA LYS C 529 -1.10 26.43 -27.66
C LYS C 529 0.18 26.99 -27.07
N GLU C 530 0.35 28.31 -27.18
CA GLU C 530 1.41 28.99 -26.43
C GLU C 530 1.00 29.19 -24.97
N LYS C 531 -0.22 29.64 -24.73
CA LYS C 531 -0.67 29.97 -23.39
C LYS C 531 -2.14 29.65 -23.24
N VAL C 532 -2.47 28.87 -22.22
CA VAL C 532 -3.84 28.57 -21.85
C VAL C 532 -4.03 28.98 -20.42
N TYR C 533 -5.11 29.67 -20.13
CA TYR C 533 -5.52 29.97 -18.77
C TYR C 533 -6.94 29.47 -18.61
N LEU C 534 -7.15 28.60 -17.63
CA LEU C 534 -8.42 27.89 -17.46
C LEU C 534 -8.97 28.23 -16.08
N ALA C 535 -10.06 28.98 -16.06
CA ALA C 535 -10.68 29.41 -14.83
C ALA C 535 -12.01 28.69 -14.62
N TRP C 536 -12.45 28.68 -13.37
CA TRP C 536 -13.71 28.07 -12.98
C TRP C 536 -14.61 29.14 -12.40
N VAL C 537 -15.92 29.01 -12.64
CA VAL C 537 -16.95 29.75 -11.93
C VAL C 537 -18.06 28.80 -11.54
N PRO C 538 -18.86 29.17 -10.55
CA PRO C 538 -20.04 28.35 -10.20
C PRO C 538 -21.14 28.47 -11.25
N ALA C 539 -21.70 27.32 -11.61
CA ALA C 539 -22.77 27.25 -12.60
C ALA C 539 -24.08 27.78 -12.04
N HIS C 540 -24.94 28.25 -12.96
CA HIS C 540 -26.30 28.66 -12.63
C HIS C 540 -26.34 29.71 -11.53
N LYS C 541 -25.31 30.55 -11.45
CA LYS C 541 -25.31 31.69 -10.54
C LYS C 541 -25.39 33.02 -11.28
N GLY C 542 -25.53 32.98 -12.60
CA GLY C 542 -25.72 34.18 -13.38
C GLY C 542 -24.47 34.99 -13.63
N ILE C 543 -23.28 34.41 -13.43
CA ILE C 543 -22.06 35.14 -13.74
C ILE C 543 -22.00 35.37 -15.25
N GLY C 544 -21.73 36.62 -15.65
CA GLY C 544 -21.83 36.98 -17.04
C GLY C 544 -20.87 36.19 -17.91
N GLY C 545 -21.29 35.95 -19.14
CA GLY C 545 -20.51 35.14 -20.05
C GLY C 545 -20.97 33.71 -19.90
N ASN C 546 -20.77 33.19 -18.69
CA ASN C 546 -21.30 31.88 -18.35
C ASN C 546 -22.81 31.85 -18.52
N GLU C 547 -23.50 32.90 -18.07
CA GLU C 547 -24.95 32.94 -18.23
C GLU C 547 -25.34 32.83 -19.70
N GLN C 548 -24.66 33.58 -20.57
CA GLN C 548 -24.98 33.56 -22.00
C GLN C 548 -24.77 32.16 -22.58
N VAL C 549 -23.61 31.56 -22.32
CA VAL C 549 -23.35 30.27 -22.95
C VAL C 549 -24.25 29.19 -22.36
N ASP C 550 -24.56 29.26 -21.07
CA ASP C 550 -25.50 28.31 -20.48
C ASP C 550 -26.86 28.41 -21.14
N LYS C 551 -27.34 29.64 -21.38
CA LYS C 551 -28.58 29.84 -22.12
C LYS C 551 -28.49 29.19 -23.50
N LEU C 552 -27.38 29.41 -24.21
CA LEU C 552 -27.23 28.89 -25.56
C LEU C 552 -27.28 27.36 -25.59
N VAL C 553 -26.43 26.68 -24.82
CA VAL C 553 -26.37 25.22 -24.91
C VAL C 553 -27.52 24.52 -24.21
N SER C 554 -28.33 25.24 -23.42
CA SER C 554 -29.50 24.64 -22.79
C SER C 554 -30.71 24.58 -23.71
N ALA C 555 -30.70 25.35 -24.80
CA ALA C 555 -31.89 25.53 -25.63
C ALA C 555 -32.52 24.20 -26.05
N GLY C 556 -31.76 23.36 -26.74
CA GLY C 556 -32.37 22.10 -27.13
C GLY C 556 -32.52 21.09 -26.01
N ILE C 557 -31.74 21.22 -24.94
CA ILE C 557 -31.49 20.11 -24.03
C ILE C 557 -32.25 20.25 -22.71
N ARG C 558 -32.44 21.47 -22.21
CA ARG C 558 -33.18 21.67 -20.97
C ARG C 558 -34.44 22.50 -21.20
N GLU D 18 -5.40 -13.00 37.49
CA GLU D 18 -6.69 -13.34 36.90
C GLU D 18 -7.03 -12.36 35.80
N THR D 19 -7.45 -12.89 34.64
CA THR D 19 -7.69 -12.06 33.46
C THR D 19 -9.14 -11.58 33.40
N VAL D 20 -9.39 -10.68 32.46
CA VAL D 20 -10.70 -10.09 32.17
C VAL D 20 -11.16 -10.64 30.82
N PRO D 21 -12.23 -11.44 30.77
CA PRO D 21 -12.69 -11.97 29.48
C PRO D 21 -13.14 -10.85 28.55
N VAL D 22 -12.62 -10.86 27.32
CA VAL D 22 -12.93 -9.86 26.32
C VAL D 22 -13.49 -10.57 25.09
N LYS D 23 -14.25 -9.82 24.29
CA LYS D 23 -14.96 -10.38 23.14
C LYS D 23 -14.87 -9.42 21.96
N LEU D 24 -14.99 -9.98 20.77
CA LEU D 24 -15.14 -9.13 19.59
C LEU D 24 -16.59 -8.66 19.51
N LYS D 25 -16.80 -7.59 18.74
CA LYS D 25 -18.15 -7.14 18.46
C LYS D 25 -18.91 -8.27 17.78
N PRO D 26 -20.22 -8.40 18.04
CA PRO D 26 -20.96 -9.56 17.54
C PRO D 26 -20.93 -9.63 16.03
N GLY D 27 -20.63 -10.82 15.51
CA GLY D 27 -20.59 -11.04 14.08
C GLY D 27 -19.33 -10.63 13.38
N MET D 28 -18.26 -10.36 14.12
CA MET D 28 -16.99 -9.95 13.54
C MET D 28 -15.92 -10.99 13.84
N ASP D 29 -15.16 -11.36 12.82
CA ASP D 29 -13.99 -12.20 12.92
C ASP D 29 -12.76 -11.33 13.16
N GLY D 30 -11.66 -11.97 13.57
CA GLY D 30 -10.45 -11.25 13.90
C GLY D 30 -9.78 -10.66 12.67
N PRO D 31 -8.69 -9.93 12.90
CA PRO D 31 -7.99 -9.28 11.78
C PRO D 31 -7.17 -10.27 10.96
N LYS D 32 -7.14 -10.02 9.65
CA LYS D 32 -6.44 -10.83 8.68
C LYS D 32 -5.64 -9.95 7.74
N VAL D 33 -4.81 -9.07 8.30
CA VAL D 33 -4.10 -8.05 7.55
C VAL D 33 -2.67 -8.48 7.29
N LYS D 34 -2.26 -8.41 6.02
CA LYS D 34 -0.96 -8.93 5.62
C LYS D 34 0.17 -8.01 6.10
N GLN D 35 1.33 -8.61 6.28
CA GLN D 35 2.49 -7.89 6.80
C GLN D 35 3.21 -7.21 5.66
N TRP D 36 3.53 -5.96 5.84
CA TRP D 36 4.15 -5.27 4.73
C TRP D 36 5.68 -5.31 4.84
N PRO D 37 6.41 -5.04 3.76
CA PRO D 37 7.88 -5.14 3.80
C PRO D 37 8.50 -4.20 4.82
N LEU D 38 9.51 -4.70 5.53
CA LEU D 38 10.24 -3.90 6.51
C LEU D 38 11.70 -3.75 6.08
N THR D 39 12.30 -2.62 6.45
CA THR D 39 13.72 -2.44 6.24
C THR D 39 14.52 -3.32 7.18
N GLU D 40 15.77 -3.54 6.80
CA GLU D 40 16.68 -4.35 7.61
C GLU D 40 16.75 -3.85 9.06
N GLU D 41 16.92 -2.55 9.25
CA GLU D 41 16.94 -1.94 10.58
C GLU D 41 15.75 -2.36 11.42
N LYS D 42 14.56 -2.18 10.88
CA LYS D 42 13.35 -2.47 11.62
C LYS D 42 13.22 -3.96 11.93
N ILE D 43 13.61 -4.82 10.99
CA ILE D 43 13.54 -6.26 11.25
C ILE D 43 14.50 -6.65 12.37
N LYS D 44 15.73 -6.14 12.34
CA LYS D 44 16.69 -6.48 13.39
C LYS D 44 16.18 -6.01 14.75
N ALA D 45 15.64 -4.80 14.80
CA ALA D 45 15.11 -4.29 16.07
C ALA D 45 13.92 -5.14 16.54
N LEU D 46 13.03 -5.53 15.61
CA LEU D 46 11.89 -6.38 16.00
C LEU D 46 12.35 -7.74 16.49
N VAL D 47 13.38 -8.31 15.85
CA VAL D 47 13.84 -9.64 16.24
C VAL D 47 14.46 -9.60 17.64
N GLU D 48 15.26 -8.58 17.94
CA GLU D 48 15.80 -8.43 19.29
C GLU D 48 14.68 -8.20 20.32
N ILE D 49 13.78 -7.24 20.04
CA ILE D 49 12.69 -6.94 20.97
C ILE D 49 11.82 -8.15 21.22
N CYS D 50 11.47 -8.88 20.16
CA CYS D 50 10.64 -10.06 20.32
C CYS D 50 11.38 -11.20 21.02
N THR D 51 12.69 -11.33 20.83
CA THR D 51 13.43 -12.32 21.60
C THR D 51 13.31 -12.03 23.10
N GLU D 52 13.53 -10.77 23.49
CA GLU D 52 13.42 -10.47 24.92
C GLU D 52 11.99 -10.66 25.41
N MET D 53 10.99 -10.26 24.61
CA MET D 53 9.61 -10.40 25.06
C MET D 53 9.21 -11.87 25.21
N GLU D 54 9.60 -12.71 24.26
CA GLU D 54 9.34 -14.14 24.39
C GLU D 54 9.99 -14.70 25.64
N LYS D 55 11.26 -14.33 25.90
CA LYS D 55 11.92 -14.87 27.10
C LYS D 55 11.33 -14.37 28.41
N GLU D 56 10.42 -13.38 28.36
CA GLU D 56 9.75 -12.89 29.56
C GLU D 56 8.30 -13.32 29.64
N GLY D 57 7.86 -14.18 28.73
CA GLY D 57 6.48 -14.64 28.72
C GLY D 57 5.47 -13.68 28.14
N LYS D 58 5.89 -12.52 27.62
CA LYS D 58 4.91 -11.56 27.15
C LYS D 58 4.27 -11.98 25.84
N ILE D 59 4.96 -12.81 25.03
CA ILE D 59 4.43 -13.31 23.76
C ILE D 59 4.88 -14.76 23.57
N SER D 60 4.19 -15.48 22.69
CA SER D 60 4.52 -16.87 22.36
C SER D 60 4.54 -17.08 20.84
N LYS D 61 5.51 -17.88 20.37
CA LYS D 61 5.50 -18.36 19.00
C LYS D 61 4.26 -19.19 18.73
N ILE D 62 3.67 -18.98 17.55
CA ILE D 62 2.48 -19.69 17.11
C ILE D 62 2.70 -20.20 15.69
N GLY D 63 1.74 -20.99 15.21
CA GLY D 63 1.83 -21.54 13.88
C GLY D 63 0.84 -20.95 12.89
N PRO D 64 0.74 -21.61 11.72
CA PRO D 64 -0.19 -21.15 10.69
C PRO D 64 -1.64 -21.56 10.95
N GLU D 65 -1.90 -22.42 11.94
CA GLU D 65 -3.28 -22.84 12.19
C GLU D 65 -4.09 -21.74 12.87
N ASN D 66 -3.43 -20.70 13.37
CA ASN D 66 -4.04 -19.43 13.76
C ASN D 66 -4.22 -18.60 12.49
N PRO D 67 -5.47 -18.36 12.06
CA PRO D 67 -5.71 -17.67 10.79
C PRO D 67 -5.60 -16.15 10.85
N TYR D 68 -5.14 -15.57 11.96
CA TYR D 68 -5.21 -14.14 12.16
C TYR D 68 -3.85 -13.47 11.95
N ASN D 69 -3.87 -12.21 11.52
CA ASN D 69 -2.61 -11.49 11.44
C ASN D 69 -2.84 -9.98 11.46
N THR D 70 -1.85 -9.27 12.02
CA THR D 70 -1.88 -7.85 12.24
C THR D 70 -0.46 -7.33 11.99
N PRO D 71 -0.29 -6.32 11.14
CA PRO D 71 1.05 -5.90 10.74
C PRO D 71 1.83 -5.29 11.89
N VAL D 72 3.15 -5.40 11.81
CA VAL D 72 4.06 -4.99 12.87
C VAL D 72 5.21 -4.23 12.23
N PHE D 73 5.65 -3.15 12.88
CA PHE D 73 6.86 -2.47 12.45
C PHE D 73 7.52 -1.86 13.68
N ALA D 74 8.51 -1.00 13.46
CA ALA D 74 9.26 -0.42 14.55
C ALA D 74 9.63 1.01 14.20
N ILE D 75 9.77 1.85 15.22
CA ILE D 75 10.13 3.25 15.05
C ILE D 75 11.22 3.59 16.04
N LYS D 76 12.23 4.32 15.59
CA LYS D 76 13.39 4.69 16.39
C LYS D 76 13.26 6.17 16.75
N LYS D 77 12.98 6.43 18.01
CA LYS D 77 12.62 7.79 18.44
C LYS D 77 13.82 8.73 18.32
N LYS D 78 13.50 10.02 18.25
CA LYS D 78 14.48 11.05 17.84
C LYS D 78 15.63 11.15 18.84
N ASP D 79 16.85 11.14 18.31
CA ASP D 79 18.10 11.17 19.08
C ASP D 79 18.18 10.02 20.09
N SER D 80 17.34 9.01 19.95
CA SER D 80 17.32 7.85 20.84
C SER D 80 17.92 6.66 20.12
N THR D 81 18.77 5.92 20.84
CA THR D 81 19.31 4.67 20.35
C THR D 81 18.32 3.50 20.50
N LYS D 82 17.15 3.75 21.09
CA LYS D 82 16.18 2.70 21.36
C LYS D 82 15.13 2.67 20.25
N TRP D 83 14.83 1.47 19.78
CA TRP D 83 13.67 1.23 18.93
C TRP D 83 12.47 0.91 19.78
N ARG D 84 11.30 1.16 19.23
CA ARG D 84 10.04 0.79 19.86
C ARG D 84 9.24 -0.03 18.86
N LYS D 85 8.77 -1.19 19.31
CA LYS D 85 7.87 -1.97 18.48
C LYS D 85 6.53 -1.28 18.43
N LEU D 86 5.88 -1.36 17.27
CA LEU D 86 4.56 -0.79 17.08
C LEU D 86 3.74 -1.79 16.29
N VAL D 87 2.62 -2.20 16.86
CA VAL D 87 1.67 -3.04 16.16
C VAL D 87 0.55 -2.16 15.61
N ASP D 88 0.16 -2.40 14.36
CA ASP D 88 -0.93 -1.65 13.76
C ASP D 88 -2.23 -2.36 14.11
N PHE D 89 -2.74 -2.04 15.28
CA PHE D 89 -3.94 -2.69 15.79
C PHE D 89 -5.23 -2.00 15.33
N ARG D 90 -5.18 -1.21 14.25
CA ARG D 90 -6.37 -0.48 13.84
C ARG D 90 -7.53 -1.42 13.53
N GLU D 91 -7.26 -2.47 12.75
CA GLU D 91 -8.30 -3.44 12.42
C GLU D 91 -8.85 -4.11 13.68
N LEU D 92 -7.95 -4.65 14.53
CA LEU D 92 -8.41 -5.35 15.73
C LEU D 92 -9.11 -4.41 16.70
N ASN D 93 -8.63 -3.16 16.80
CA ASN D 93 -9.32 -2.16 17.61
C ASN D 93 -10.72 -1.87 17.06
N LYS D 94 -10.89 -1.89 15.74
CA LYS D 94 -12.22 -1.71 15.16
C LYS D 94 -13.16 -2.83 15.59
N ARG D 95 -12.65 -4.05 15.66
CA ARG D 95 -13.49 -5.21 15.90
C ARG D 95 -13.66 -5.56 17.36
N THR D 96 -12.88 -4.93 18.26
CA THR D 96 -12.96 -5.23 19.68
C THR D 96 -14.16 -4.55 20.32
N GLN D 97 -14.87 -5.29 21.18
CA GLN D 97 -16.07 -4.83 21.86
C GLN D 97 -15.85 -3.53 22.61
N ASP D 98 -16.92 -2.79 22.88
CA ASP D 98 -16.79 -1.52 23.57
C ASP D 98 -17.19 -1.66 25.05
N HIS D 108 -13.77 12.89 29.45
CA HIS D 108 -12.65 13.63 28.86
C HIS D 108 -12.54 15.02 29.50
N PRO D 109 -11.34 15.35 29.97
CA PRO D 109 -11.15 16.61 30.71
C PRO D 109 -11.04 17.82 29.79
N ALA D 110 -12.03 18.71 29.87
CA ALA D 110 -12.01 19.91 29.04
C ALA D 110 -10.85 20.83 29.38
N GLY D 111 -10.30 20.75 30.60
CA GLY D 111 -9.25 21.66 31.00
C GLY D 111 -7.90 21.38 30.37
N LEU D 112 -7.69 20.15 29.88
CA LEU D 112 -6.40 19.78 29.31
C LEU D 112 -6.01 20.69 28.14
N LYS D 113 -6.95 20.98 27.24
CA LYS D 113 -6.64 21.84 26.10
C LYS D 113 -6.32 23.28 26.50
N LYS D 114 -6.39 23.61 27.80
CA LYS D 114 -6.17 24.97 28.25
C LYS D 114 -4.84 25.19 28.97
N LYS D 115 -4.22 24.13 29.50
CA LYS D 115 -3.03 24.27 30.33
C LYS D 115 -1.90 24.95 29.55
N LYS D 116 -1.01 25.61 30.30
CA LYS D 116 0.13 26.29 29.68
C LYS D 116 1.00 25.31 28.90
N SER D 117 1.37 24.20 29.53
CA SER D 117 2.20 23.22 28.86
C SER D 117 1.70 21.82 29.18
N VAL D 118 1.88 20.92 28.21
CA VAL D 118 1.45 19.52 28.32
C VAL D 118 2.59 18.63 27.87
N THR D 119 2.96 17.65 28.70
CA THR D 119 3.98 16.66 28.37
C THR D 119 3.31 15.31 28.10
N VAL D 120 3.88 14.54 27.18
CA VAL D 120 3.34 13.25 26.76
C VAL D 120 4.30 12.16 27.19
N LEU D 121 3.90 11.35 28.16
CA LEU D 121 4.70 10.24 28.67
C LEU D 121 4.21 8.93 28.07
N ASP D 122 5.15 8.04 27.79
CA ASP D 122 4.89 6.74 27.14
C ASP D 122 4.83 5.68 28.24
N VAL D 123 3.63 5.44 28.75
CA VAL D 123 3.44 4.51 29.85
C VAL D 123 3.02 3.12 29.36
N GLY D 124 3.25 2.82 28.07
CA GLY D 124 2.77 1.56 27.50
C GLY D 124 3.37 0.33 28.14
N ASP D 125 4.64 0.40 28.56
CA ASP D 125 5.31 -0.74 29.19
C ASP D 125 4.48 -1.33 30.33
N ALA D 126 3.77 -0.49 31.07
CA ALA D 126 2.97 -0.95 32.20
C ALA D 126 2.04 -2.10 31.81
N TYR D 127 1.52 -2.04 30.58
CA TYR D 127 0.51 -3.02 30.15
C TYR D 127 1.03 -4.45 30.19
N PHE D 128 2.35 -4.63 30.07
CA PHE D 128 2.86 -6.00 30.05
C PHE D 128 2.81 -6.66 31.42
N SER D 129 2.28 -5.99 32.44
CA SER D 129 2.15 -6.65 33.73
C SER D 129 0.84 -7.41 33.89
N VAL D 130 -0.10 -7.25 32.98
CA VAL D 130 -1.44 -7.79 33.13
C VAL D 130 -1.66 -8.87 32.08
N PRO D 131 -2.10 -10.07 32.46
CA PRO D 131 -2.31 -11.13 31.46
C PRO D 131 -3.52 -10.83 30.59
N LEU D 132 -3.51 -11.44 29.41
CA LEU D 132 -4.58 -11.31 28.41
C LEU D 132 -5.44 -12.56 28.40
N ASP D 133 -6.76 -12.37 28.37
CA ASP D 133 -7.72 -13.47 28.34
C ASP D 133 -7.32 -14.51 27.30
N GLU D 134 -7.23 -15.77 27.74
CA GLU D 134 -6.61 -16.80 26.91
C GLU D 134 -7.32 -16.95 25.57
N ASP D 135 -8.66 -16.89 25.57
CA ASP D 135 -9.41 -17.02 24.33
C ASP D 135 -9.16 -15.86 23.37
N PHE D 136 -8.77 -14.71 23.89
CA PHE D 136 -8.57 -13.55 23.03
C PHE D 136 -7.19 -13.51 22.39
N ARG D 137 -6.22 -14.24 22.95
CA ARG D 137 -4.83 -14.09 22.54
C ARG D 137 -4.64 -14.38 21.05
N LYS D 138 -5.42 -15.31 20.49
CA LYS D 138 -5.25 -15.68 19.10
C LYS D 138 -5.47 -14.51 18.15
N TYR D 139 -6.22 -13.47 18.55
CA TYR D 139 -6.45 -12.34 17.66
C TYR D 139 -5.32 -11.32 17.66
N THR D 140 -4.30 -11.51 18.49
CA THR D 140 -3.15 -10.59 18.52
C THR D 140 -1.97 -11.09 17.70
N ALA D 141 -2.18 -12.10 16.87
CA ALA D 141 -1.13 -12.69 16.05
C ALA D 141 -0.47 -11.65 15.14
N PHE D 142 0.86 -11.74 15.04
CA PHE D 142 1.62 -10.93 14.10
C PHE D 142 2.82 -11.75 13.62
N THR D 143 3.43 -11.27 12.53
CA THR D 143 4.43 -12.03 11.76
C THR D 143 5.64 -11.16 11.44
N ILE D 144 6.81 -11.60 11.89
CA ILE D 144 8.07 -10.96 11.51
C ILE D 144 8.49 -11.46 10.14
N PRO D 145 8.77 -10.58 9.19
CA PRO D 145 9.31 -11.01 7.90
C PRO D 145 10.82 -11.16 8.00
N SER D 146 11.44 -11.50 6.87
CA SER D 146 12.89 -11.62 6.77
C SER D 146 13.33 -10.94 5.49
N ILE D 147 14.57 -10.45 5.50
CA ILE D 147 15.16 -9.86 4.31
C ILE D 147 15.21 -10.92 3.21
N ASN D 148 14.57 -10.62 2.08
CA ASN D 148 14.70 -11.43 0.87
C ASN D 148 14.11 -12.80 1.07
N ASN D 149 13.17 -12.90 2.01
CA ASN D 149 12.40 -14.12 2.22
C ASN D 149 13.32 -15.31 2.47
N GLU D 150 14.37 -15.07 3.25
CA GLU D 150 15.30 -16.12 3.65
C GLU D 150 14.57 -17.24 4.39
N THR D 151 13.65 -16.88 5.26
CA THR D 151 12.83 -17.84 6.00
C THR D 151 11.37 -17.51 5.78
N PRO D 152 10.47 -18.43 6.07
CA PRO D 152 9.05 -18.06 6.20
C PRO D 152 8.89 -17.05 7.32
N GLY D 153 7.76 -16.36 7.32
CA GLY D 153 7.47 -15.45 8.41
C GLY D 153 7.46 -16.18 9.74
N ILE D 154 7.80 -15.45 10.80
CA ILE D 154 7.85 -16.00 12.14
C ILE D 154 6.77 -15.35 12.99
N ARG D 155 5.88 -16.16 13.56
CA ARG D 155 4.59 -15.69 14.07
C ARG D 155 4.52 -15.79 15.58
N TYR D 156 3.93 -14.76 16.19
CA TYR D 156 3.75 -14.66 17.63
C TYR D 156 2.32 -14.24 17.93
N GLN D 157 1.91 -14.50 19.17
CA GLN D 157 0.72 -13.88 19.73
C GLN D 157 1.06 -13.38 21.12
N TYR D 158 0.21 -12.50 21.64
CA TYR D 158 0.41 -11.89 22.94
C TYR D 158 -0.13 -12.77 24.06
N ASN D 159 0.49 -12.65 25.24
CA ASN D 159 -0.06 -13.20 26.47
C ASN D 159 -0.45 -12.12 27.47
N VAL D 160 -0.08 -10.87 27.20
CA VAL D 160 -0.32 -9.75 28.09
C VAL D 160 -1.04 -8.65 27.31
N LEU D 161 -1.47 -7.62 28.04
CA LEU D 161 -2.11 -6.48 27.43
C LEU D 161 -1.17 -5.86 26.41
N PRO D 162 -1.52 -5.86 25.12
CA PRO D 162 -0.61 -5.33 24.11
C PRO D 162 -0.62 -3.80 24.08
N GLN D 163 0.54 -3.21 23.86
CA GLN D 163 0.58 -1.80 23.50
C GLN D 163 -0.18 -1.59 22.19
N GLY D 164 -0.96 -0.52 22.13
CA GLY D 164 -1.67 -0.19 20.93
C GLY D 164 -3.05 -0.80 20.80
N TRP D 165 -3.47 -1.61 21.77
CA TRP D 165 -4.79 -2.24 21.68
C TRP D 165 -5.78 -1.47 22.54
N LYS D 166 -6.97 -1.23 21.96
CA LYS D 166 -8.03 -0.48 22.63
C LYS D 166 -8.31 -1.03 24.04
N GLY D 167 -8.22 -2.35 24.20
CA GLY D 167 -8.56 -2.96 25.46
C GLY D 167 -7.54 -2.76 26.57
N SER D 168 -6.30 -2.40 26.23
CA SER D 168 -5.27 -2.29 27.26
C SER D 168 -5.56 -1.14 28.23
N PRO D 169 -5.73 0.11 27.78
CA PRO D 169 -6.02 1.17 28.76
C PRO D 169 -7.31 0.93 29.52
N ALA D 170 -8.31 0.34 28.87
CA ALA D 170 -9.56 0.03 29.54
C ALA D 170 -9.35 -0.94 30.69
N ILE D 171 -8.83 -2.13 30.38
CA ILE D 171 -8.63 -3.17 31.38
C ILE D 171 -7.67 -2.69 32.48
N PHE D 172 -6.74 -1.79 32.15
CA PHE D 172 -5.76 -1.34 33.12
C PHE D 172 -6.19 -0.09 33.90
N GLN D 173 -7.30 0.56 33.50
CA GLN D 173 -7.65 1.86 34.08
C GLN D 173 -7.73 1.83 35.61
N SER D 174 -8.20 0.73 36.19
CA SER D 174 -8.30 0.70 37.65
C SER D 174 -6.92 0.73 38.30
N SER D 175 -5.98 -0.07 37.78
CA SER D 175 -4.61 -0.02 38.27
C SER D 175 -4.02 1.36 38.06
N MET D 176 -4.28 1.96 36.89
CA MET D 176 -3.75 3.29 36.60
C MET D 176 -4.26 4.32 37.61
N THR D 177 -5.56 4.30 37.88
CA THR D 177 -6.13 5.26 38.83
C THR D 177 -5.58 5.05 40.23
N LYS D 178 -5.44 3.78 40.65
CA LYS D 178 -4.87 3.51 41.97
C LYS D 178 -3.43 4.01 42.05
N ILE D 179 -2.68 3.91 40.94
CA ILE D 179 -1.31 4.41 40.91
C ILE D 179 -1.28 5.94 40.97
N LEU D 180 -2.21 6.59 40.30
CA LEU D 180 -2.16 8.03 40.17
C LEU D 180 -2.77 8.79 41.35
N GLU D 181 -3.71 8.17 42.10
CA GLU D 181 -4.43 8.85 43.17
C GLU D 181 -3.58 9.80 44.01
N PRO D 182 -2.45 9.36 44.60
CA PRO D 182 -1.71 10.28 45.49
C PRO D 182 -1.05 11.44 44.76
N PHE D 183 -0.48 11.20 43.57
CA PHE D 183 0.11 12.30 42.82
C PHE D 183 -0.96 13.34 42.47
N ARG D 184 -2.18 12.89 42.18
CA ARG D 184 -3.26 13.83 41.88
C ARG D 184 -3.69 14.59 43.14
N LYS D 185 -3.79 13.90 44.28
CA LYS D 185 -4.15 14.58 45.52
C LYS D 185 -3.12 15.65 45.89
N GLN D 186 -1.83 15.33 45.73
CA GLN D 186 -0.76 16.28 46.04
C GLN D 186 -0.60 17.36 44.99
N ASN D 187 -1.20 17.22 43.81
CA ASN D 187 -1.18 18.26 42.78
C ASN D 187 -2.55 18.36 42.14
N PRO D 188 -3.52 19.02 42.82
CA PRO D 188 -4.86 19.14 42.24
C PRO D 188 -4.93 20.05 41.01
N ASP D 189 -3.96 20.94 40.82
CA ASP D 189 -3.95 21.80 39.64
C ASP D 189 -3.48 21.09 38.37
N ILE D 190 -2.80 19.95 38.52
CA ILE D 190 -2.29 19.19 37.38
C ILE D 190 -3.43 18.40 36.75
N VAL D 191 -3.41 18.29 35.41
CA VAL D 191 -4.41 17.53 34.67
C VAL D 191 -3.71 16.36 33.98
N ILE D 192 -4.03 15.14 34.41
CA ILE D 192 -3.47 13.92 33.82
C ILE D 192 -4.57 13.21 33.03
N TYR D 193 -4.28 12.89 31.79
CA TYR D 193 -5.24 12.22 30.91
C TYR D 193 -4.58 11.03 30.21
N GLN D 194 -5.28 9.91 30.14
CA GLN D 194 -4.74 8.71 29.52
C GLN D 194 -5.38 8.50 28.16
N TYR D 195 -4.56 8.35 27.13
CA TYR D 195 -5.02 7.88 25.83
C TYR D 195 -4.02 6.85 25.35
N MET D 196 -4.51 5.77 24.76
CA MET D 196 -4.11 4.42 25.12
C MET D 196 -2.71 4.21 25.70
N ASP D 197 -1.62 4.53 25.00
CA ASP D 197 -0.29 4.23 25.53
C ASP D 197 0.36 5.39 26.27
N ASP D 198 -0.31 6.52 26.36
CA ASP D 198 0.28 7.78 26.80
C ASP D 198 -0.50 8.39 27.95
N LEU D 199 0.24 9.06 28.83
CA LEU D 199 -0.29 10.05 29.74
C LEU D 199 0.00 11.44 29.18
N TYR D 200 -1.00 12.31 29.22
CA TYR D 200 -0.91 13.72 28.87
C TYR D 200 -1.01 14.49 30.18
N VAL D 201 0.07 15.15 30.58
CA VAL D 201 0.14 15.83 31.87
C VAL D 201 0.29 17.32 31.61
N GLY D 202 -0.70 18.10 32.03
CA GLY D 202 -0.77 19.53 31.73
C GLY D 202 -0.80 20.39 32.98
N SER D 203 -0.10 21.52 32.91
CA SER D 203 -0.04 22.45 34.04
C SER D 203 0.28 23.87 33.57
N ASP D 204 0.21 24.80 34.53
CA ASP D 204 0.43 26.23 34.33
C ASP D 204 1.69 26.70 35.06
N LEU D 205 2.76 25.92 34.97
CA LEU D 205 4.01 26.21 35.67
C LEU D 205 5.02 26.82 34.71
N GLU D 206 5.93 27.62 35.26
CA GLU D 206 7.16 27.96 34.56
C GLU D 206 7.81 26.66 34.11
N ILE D 207 8.34 26.65 32.89
CA ILE D 207 8.69 25.38 32.25
C ILE D 207 9.70 24.59 33.09
N GLY D 208 10.54 25.29 33.87
CA GLY D 208 11.47 24.58 34.75
C GLY D 208 10.76 23.83 35.86
N GLN D 209 9.86 24.52 36.58
CA GLN D 209 9.04 23.86 37.59
C GLN D 209 8.16 22.78 36.96
N HIS D 210 7.67 23.03 35.74
CA HIS D 210 6.86 22.04 35.04
C HIS D 210 7.63 20.75 34.81
N ARG D 211 8.82 20.85 34.23
CA ARG D 211 9.64 19.65 34.02
C ARG D 211 10.03 19.00 35.35
N THR D 212 10.24 19.80 36.40
CA THR D 212 10.53 19.20 37.71
C THR D 212 9.35 18.35 38.17
N LYS D 213 8.13 18.84 38.00
CA LYS D 213 6.96 18.06 38.38
C LYS D 213 6.81 16.82 37.51
N ILE D 214 7.11 16.95 36.21
CA ILE D 214 7.05 15.80 35.32
C ILE D 214 8.02 14.71 35.75
N GLU D 215 9.21 15.12 36.20
CA GLU D 215 10.15 14.14 36.72
C GLU D 215 9.66 13.56 38.04
N GLU D 216 8.97 14.35 38.86
CA GLU D 216 8.32 13.78 40.04
C GLU D 216 7.38 12.66 39.65
N LEU D 217 6.61 12.86 38.58
CA LEU D 217 5.68 11.83 38.14
C LEU D 217 6.42 10.61 37.58
N ARG D 218 7.44 10.83 36.75
CA ARG D 218 8.18 9.71 36.17
C ARG D 218 8.91 8.90 37.26
N GLN D 219 9.23 9.54 38.39
CA GLN D 219 9.74 8.80 39.54
C GLN D 219 8.63 8.05 40.25
N HIS D 220 7.48 8.72 40.46
CA HIS D 220 6.33 8.09 41.09
C HIS D 220 5.95 6.81 40.36
N LEU D 221 6.07 6.82 39.03
CA LEU D 221 5.71 5.68 38.18
C LEU D 221 6.77 4.58 38.17
N LEU D 222 7.73 4.63 39.10
CA LEU D 222 8.62 3.49 39.34
C LEU D 222 7.97 2.67 40.46
N ARG D 223 7.02 1.84 40.05
CA ARG D 223 6.11 1.12 40.94
C ARG D 223 5.82 -0.27 40.41
N GLU D 245 7.44 18.77 23.82
CA GLU D 245 6.49 19.33 24.78
C GLU D 245 5.43 20.20 24.07
N LEU D 246 4.16 20.00 24.43
CA LEU D 246 3.06 20.76 23.86
C LEU D 246 2.76 22.02 24.67
N HIS D 247 2.11 22.98 24.00
CA HIS D 247 1.60 24.19 24.65
C HIS D 247 0.23 24.48 24.05
N PRO D 248 -0.82 23.78 24.52
CA PRO D 248 -2.13 23.89 23.87
C PRO D 248 -2.78 25.27 23.96
N ASP D 249 -2.44 26.08 24.96
CA ASP D 249 -3.14 27.37 24.96
C ASP D 249 -2.61 28.32 23.88
N LYS D 250 -1.75 27.85 22.99
CA LYS D 250 -1.24 28.64 21.88
C LYS D 250 -1.75 28.17 20.52
N TRP D 251 -2.50 27.06 20.48
CA TRP D 251 -3.13 26.63 19.23
C TRP D 251 -4.17 27.65 18.80
N THR D 252 -4.12 28.07 17.53
CA THR D 252 -5.02 29.07 17.02
C THR D 252 -5.77 28.54 15.80
N VAL D 253 -6.85 29.24 15.45
CA VAL D 253 -7.73 28.85 14.35
C VAL D 253 -7.36 29.66 13.12
N GLN D 254 -7.41 29.01 11.95
CA GLN D 254 -7.05 29.63 10.68
C GLN D 254 -8.31 30.03 9.92
N PRO D 255 -8.69 31.30 9.91
CA PRO D 255 -9.95 31.71 9.26
C PRO D 255 -9.84 31.74 7.75
N ILE D 256 -11.01 31.71 7.11
CA ILE D 256 -11.12 32.03 5.70
C ILE D 256 -10.87 33.52 5.51
N VAL D 257 -10.04 33.87 4.54
CA VAL D 257 -9.64 35.26 4.36
C VAL D 257 -9.86 35.66 2.91
N LEU D 258 -10.19 36.95 2.69
CA LEU D 258 -10.49 37.43 1.35
C LEU D 258 -9.40 38.41 0.86
N PRO D 259 -9.10 38.42 -0.44
CA PRO D 259 -8.02 39.26 -0.94
C PRO D 259 -8.27 40.74 -0.70
N GLU D 260 -7.20 41.48 -0.56
CA GLU D 260 -7.21 42.94 -0.46
C GLU D 260 -6.64 43.50 -1.76
N LYS D 261 -7.42 44.31 -2.47
CA LYS D 261 -6.93 44.89 -3.71
C LYS D 261 -7.40 46.33 -3.84
N ASP D 262 -6.59 47.13 -4.53
CA ASP D 262 -7.00 48.46 -4.95
C ASP D 262 -7.41 48.49 -6.41
N SER D 263 -7.34 47.36 -7.10
CA SER D 263 -7.77 47.23 -8.48
C SER D 263 -8.22 45.79 -8.68
N TRP D 264 -9.39 45.61 -9.28
CA TRP D 264 -9.99 44.30 -9.43
C TRP D 264 -10.29 44.04 -10.90
N THR D 265 -9.87 42.87 -11.39
CA THR D 265 -10.24 42.49 -12.74
C THR D 265 -11.49 41.62 -12.72
N VAL D 266 -12.05 41.40 -13.91
CA VAL D 266 -13.11 40.41 -14.08
C VAL D 266 -12.66 39.07 -13.51
N ASN D 267 -11.41 38.68 -13.76
CA ASN D 267 -10.91 37.42 -13.19
C ASN D 267 -10.89 37.44 -11.67
N ASP D 268 -10.34 38.52 -11.08
CA ASP D 268 -10.31 38.65 -9.62
C ASP D 268 -11.69 38.49 -9.02
N ILE D 269 -12.69 39.15 -9.62
CA ILE D 269 -14.03 39.17 -9.06
C ILE D 269 -14.71 37.82 -9.27
N GLN D 270 -14.53 37.20 -10.44
CA GLN D 270 -15.03 35.84 -10.63
C GLN D 270 -14.47 34.91 -9.55
N LYS D 271 -13.17 34.99 -9.29
CA LYS D 271 -12.56 34.12 -8.27
C LYS D 271 -13.18 34.40 -6.89
N LEU D 272 -13.27 35.67 -6.52
CA LEU D 272 -13.87 36.05 -5.26
C LEU D 272 -15.31 35.56 -5.15
N VAL D 273 -16.08 35.65 -6.23
CA VAL D 273 -17.49 35.28 -6.16
C VAL D 273 -17.64 33.77 -6.01
N GLY D 274 -16.79 32.99 -6.67
CA GLY D 274 -16.82 31.55 -6.45
C GLY D 274 -16.40 31.15 -5.05
N LYS D 275 -15.37 31.80 -4.50
CA LYS D 275 -14.94 31.50 -3.15
C LYS D 275 -16.01 31.86 -2.12
N LEU D 276 -16.68 33.00 -2.32
CA LEU D 276 -17.73 33.41 -1.40
C LEU D 276 -18.96 32.52 -1.54
N ASN D 277 -19.26 32.08 -2.77
CA ASN D 277 -20.35 31.15 -2.98
C ASN D 277 -20.10 29.83 -2.25
N TRP D 278 -18.86 29.33 -2.31
CA TRP D 278 -18.53 28.13 -1.55
C TRP D 278 -18.67 28.40 -0.04
N ALA D 279 -18.12 29.53 0.43
CA ALA D 279 -18.12 29.82 1.85
C ALA D 279 -19.52 30.03 2.41
N SER D 280 -20.48 30.42 1.58
CA SER D 280 -21.83 30.62 2.11
C SER D 280 -22.44 29.33 2.66
N GLN D 281 -21.91 28.17 2.26
CA GLN D 281 -22.38 26.91 2.84
C GLN D 281 -21.94 26.77 4.29
N ILE D 282 -20.81 27.38 4.66
CA ILE D 282 -20.38 27.46 6.05
C ILE D 282 -21.00 28.67 6.76
N TYR D 283 -21.09 29.80 6.06
CA TYR D 283 -21.66 31.02 6.64
C TYR D 283 -22.81 31.50 5.77
N PRO D 284 -24.05 31.23 6.16
CA PRO D 284 -25.19 31.65 5.31
C PRO D 284 -25.30 33.14 5.14
N GLY D 285 -24.64 33.94 5.98
CA GLY D 285 -24.68 35.39 5.83
C GLY D 285 -23.98 35.92 4.59
N ILE D 286 -23.01 35.17 4.06
CA ILE D 286 -22.29 35.57 2.85
C ILE D 286 -23.29 35.84 1.72
N LYS D 287 -23.08 36.95 1.01
CA LYS D 287 -23.93 37.28 -0.14
C LYS D 287 -23.04 37.80 -1.26
N VAL D 288 -23.32 37.36 -2.49
CA VAL D 288 -22.54 37.74 -3.67
C VAL D 288 -23.38 38.51 -4.69
N ARG D 289 -24.53 39.04 -4.27
CA ARG D 289 -25.46 39.72 -5.18
C ARG D 289 -24.78 40.84 -5.96
N GLN D 290 -24.20 41.82 -5.26
CA GLN D 290 -23.70 43.03 -5.92
C GLN D 290 -22.37 42.79 -6.64
N LEU D 291 -21.46 42.04 -6.01
CA LEU D 291 -20.23 41.67 -6.67
C LEU D 291 -20.54 40.99 -7.98
N SER D 292 -21.49 40.06 -7.96
CA SER D 292 -21.87 39.35 -9.17
C SER D 292 -22.52 40.31 -10.16
N LYS D 293 -23.31 41.26 -9.67
CA LYS D 293 -23.92 42.26 -10.52
C LYS D 293 -22.89 42.96 -11.39
N LEU D 294 -21.70 43.21 -10.83
CA LEU D 294 -20.61 43.85 -11.60
C LEU D 294 -20.15 43.03 -12.80
N LEU D 295 -20.51 41.75 -12.88
CA LEU D 295 -19.98 40.85 -13.91
C LEU D 295 -20.95 40.62 -15.07
N ARG D 296 -22.01 41.42 -15.20
CA ARG D 296 -22.91 41.24 -16.33
C ARG D 296 -22.19 41.52 -17.65
N GLY D 297 -22.70 40.93 -18.72
CA GLY D 297 -22.04 41.00 -19.99
C GLY D 297 -21.13 39.82 -20.23
N THR D 298 -20.33 39.91 -21.31
CA THR D 298 -19.39 38.88 -21.69
C THR D 298 -18.04 39.56 -21.85
N LYS D 299 -17.31 39.69 -20.75
CA LYS D 299 -16.14 40.56 -20.66
C LYS D 299 -14.82 39.79 -20.71
N ALA D 300 -13.78 40.52 -21.10
CA ALA D 300 -12.41 40.01 -21.02
C ALA D 300 -12.01 39.74 -19.58
N LEU D 301 -11.22 38.68 -19.37
CA LEU D 301 -10.81 38.32 -18.02
C LEU D 301 -9.94 39.42 -17.38
N THR D 302 -9.17 40.14 -18.19
CA THR D 302 -8.24 41.14 -17.68
C THR D 302 -8.82 42.54 -17.69
N GLU D 303 -10.09 42.69 -18.04
CA GLU D 303 -10.71 44.01 -17.94
C GLU D 303 -10.82 44.43 -16.48
N VAL D 304 -10.47 45.69 -16.21
CA VAL D 304 -10.52 46.24 -14.87
C VAL D 304 -11.94 46.70 -14.57
N ILE D 305 -12.50 46.21 -13.47
CA ILE D 305 -13.85 46.55 -13.05
C ILE D 305 -13.75 47.42 -11.80
N PRO D 306 -14.29 48.64 -11.82
CA PRO D 306 -14.36 49.43 -10.59
C PRO D 306 -15.49 48.95 -9.69
N LEU D 307 -15.18 48.85 -8.39
CA LEU D 307 -16.16 48.36 -7.44
C LEU D 307 -17.14 49.47 -7.06
N THR D 308 -18.43 49.20 -7.22
CA THR D 308 -19.47 50.13 -6.80
C THR D 308 -19.45 50.29 -5.28
N GLU D 309 -20.25 51.24 -4.78
CA GLU D 309 -20.45 51.38 -3.35
C GLU D 309 -21.12 50.13 -2.78
N GLU D 310 -22.21 49.70 -3.40
CA GLU D 310 -22.92 48.51 -2.95
C GLU D 310 -21.99 47.31 -2.88
N ALA D 311 -21.23 47.08 -3.95
CA ALA D 311 -20.33 45.93 -3.99
C ALA D 311 -19.26 46.04 -2.92
N GLU D 312 -18.74 47.25 -2.71
CA GLU D 312 -17.73 47.44 -1.68
C GLU D 312 -18.30 47.09 -0.31
N LEU D 313 -19.53 47.55 -0.02
CA LEU D 313 -20.14 47.26 1.26
C LEU D 313 -20.43 45.78 1.43
N GLU D 314 -20.86 45.12 0.35
CA GLU D 314 -21.05 43.68 0.38
C GLU D 314 -19.75 42.97 0.71
N LEU D 315 -18.64 43.43 0.14
CA LEU D 315 -17.35 42.79 0.42
C LEU D 315 -16.91 43.02 1.85
N ALA D 316 -17.10 44.24 2.36
CA ALA D 316 -16.69 44.49 3.75
C ALA D 316 -17.56 43.71 4.72
N GLU D 317 -18.85 43.57 4.41
CA GLU D 317 -19.74 42.78 5.26
C GLU D 317 -19.34 41.31 5.27
N ASN D 318 -18.99 40.78 4.09
CA ASN D 318 -18.52 39.40 4.03
C ASN D 318 -17.21 39.22 4.80
N ARG D 319 -16.30 40.20 4.71
CA ARG D 319 -15.09 40.12 5.52
C ARG D 319 -15.44 40.04 7.00
N GLU D 320 -16.44 40.81 7.42
CA GLU D 320 -16.88 40.70 8.82
C GLU D 320 -17.42 39.30 9.13
N ILE D 321 -18.36 38.81 8.32
CA ILE D 321 -19.03 37.53 8.57
C ILE D 321 -18.04 36.38 8.67
N LEU D 322 -16.96 36.42 7.89
CA LEU D 322 -15.96 35.36 7.98
C LEU D 322 -15.19 35.39 9.30
N LYS D 323 -15.40 36.41 10.15
CA LYS D 323 -14.77 36.44 11.46
C LYS D 323 -15.56 35.63 12.49
N GLU D 324 -16.90 35.70 12.43
CA GLU D 324 -17.74 35.04 13.41
C GLU D 324 -17.49 33.53 13.42
N PRO D 325 -17.59 32.89 14.59
CA PRO D 325 -17.44 31.43 14.65
C PRO D 325 -18.61 30.73 13.95
N VAL D 326 -18.32 29.54 13.42
CA VAL D 326 -19.35 28.76 12.73
C VAL D 326 -20.44 28.37 13.73
N HIS D 327 -21.68 28.73 13.43
CA HIS D 327 -22.76 28.53 14.36
C HIS D 327 -23.27 27.10 14.30
N GLY D 328 -23.64 26.56 15.46
CA GLY D 328 -24.35 25.30 15.54
C GLY D 328 -23.52 24.07 15.27
N VAL D 329 -22.34 23.99 15.87
CA VAL D 329 -21.42 22.88 15.64
C VAL D 329 -21.13 22.23 16.99
N TYR D 330 -21.73 21.07 17.24
CA TYR D 330 -21.64 20.40 18.53
C TYR D 330 -20.96 19.05 18.34
N TYR D 331 -19.91 18.80 19.13
CA TYR D 331 -19.16 17.56 19.02
C TYR D 331 -20.05 16.35 19.36
N ASP D 332 -20.00 15.34 18.50
CA ASP D 332 -20.75 14.10 18.68
C ASP D 332 -19.80 12.96 19.02
N PRO D 333 -19.78 12.47 20.26
CA PRO D 333 -18.81 11.40 20.58
C PRO D 333 -19.02 10.13 19.79
N SER D 334 -20.27 9.76 19.49
CA SER D 334 -20.54 8.51 18.76
C SER D 334 -20.19 8.58 17.28
N LYS D 335 -19.81 9.74 16.76
CA LYS D 335 -19.42 9.85 15.36
C LYS D 335 -17.92 9.96 15.22
N ASP D 336 -17.44 9.79 14.00
CA ASP D 336 -16.02 9.90 13.72
C ASP D 336 -15.65 11.35 13.44
N LEU D 337 -14.48 11.74 13.95
CA LEU D 337 -13.83 12.96 13.52
C LEU D 337 -13.22 12.73 12.15
N ILE D 338 -13.51 13.62 11.22
CA ILE D 338 -12.96 13.62 9.87
C ILE D 338 -11.97 14.77 9.79
N ALA D 339 -10.73 14.47 9.40
CA ALA D 339 -9.73 15.50 9.13
C ALA D 339 -9.44 15.52 7.63
N GLU D 340 -9.59 16.69 7.03
CA GLU D 340 -9.14 16.90 5.65
C GLU D 340 -7.89 17.76 5.67
N ILE D 341 -6.92 17.38 4.85
CA ILE D 341 -5.70 18.15 4.66
C ILE D 341 -5.59 18.56 3.20
N GLN D 342 -5.14 19.79 2.97
CA GLN D 342 -4.80 20.30 1.65
C GLN D 342 -3.36 20.80 1.62
N LYS D 343 -2.65 20.43 0.55
CA LYS D 343 -1.32 20.96 0.26
C LYS D 343 -1.46 22.33 -0.39
N GLN D 344 -1.09 23.39 0.32
CA GLN D 344 -1.10 24.70 -0.30
C GLN D 344 0.18 25.03 -1.05
N GLY D 345 1.22 24.20 -0.89
CA GLY D 345 2.51 24.43 -1.52
C GLY D 345 3.44 25.28 -0.66
N GLN D 346 4.73 25.22 -1.01
CA GLN D 346 5.76 26.01 -0.34
C GLN D 346 5.79 25.73 1.17
N GLY D 347 5.72 24.44 1.51
CA GLY D 347 5.72 23.99 2.89
C GLY D 347 4.45 24.25 3.68
N GLN D 348 3.37 24.70 3.02
CA GLN D 348 2.15 25.12 3.69
C GLN D 348 1.06 24.05 3.53
N TRP D 349 0.33 23.83 4.60
CA TRP D 349 -0.72 22.81 4.65
C TRP D 349 -1.86 23.36 5.47
N THR D 350 -3.08 23.16 5.00
CA THR D 350 -4.27 23.57 5.73
C THR D 350 -5.07 22.34 6.12
N TYR D 351 -5.84 22.45 7.20
CA TYR D 351 -6.65 21.30 7.57
C TYR D 351 -7.95 21.74 8.22
N GLN D 352 -8.95 20.87 8.11
CA GLN D 352 -10.24 21.06 8.77
C GLN D 352 -10.65 19.77 9.47
N ILE D 353 -11.10 19.91 10.71
CA ILE D 353 -11.69 18.82 11.48
C ILE D 353 -13.17 19.09 11.62
N TYR D 354 -13.98 18.14 11.13
CA TYR D 354 -15.44 18.23 11.19
C TYR D 354 -16.02 16.83 11.41
N GLN D 355 -17.34 16.77 11.55
CA GLN D 355 -18.04 15.50 11.65
C GLN D 355 -19.17 15.43 10.64
N GLU D 356 -19.74 16.59 10.32
CA GLU D 356 -20.69 16.80 9.25
C GLU D 356 -20.11 17.83 8.29
N PRO D 357 -20.30 17.66 6.99
CA PRO D 357 -19.77 18.62 6.01
C PRO D 357 -20.19 20.05 6.32
N PHE D 358 -19.20 20.95 6.37
CA PHE D 358 -19.29 22.40 6.56
C PHE D 358 -19.54 22.75 8.01
N LYS D 359 -19.65 21.77 8.89
CA LYS D 359 -19.78 22.02 10.33
C LYS D 359 -18.43 21.77 11.00
N ASN D 360 -17.46 22.61 10.64
CA ASN D 360 -16.10 22.40 11.10
C ASN D 360 -16.01 22.63 12.60
N LEU D 361 -15.35 21.70 13.29
CA LEU D 361 -15.04 21.90 14.70
C LEU D 361 -13.74 22.67 14.85
N LYS D 362 -12.84 22.53 13.89
CA LYS D 362 -11.61 23.31 13.92
C LYS D 362 -11.08 23.46 12.52
N THR D 363 -10.38 24.56 12.28
CA THR D 363 -9.63 24.76 11.06
C THR D 363 -8.26 25.29 11.44
N GLY D 364 -7.22 24.77 10.80
CA GLY D 364 -5.89 25.22 11.12
C GLY D 364 -4.93 25.14 9.96
N LYS D 365 -3.66 25.40 10.23
CA LYS D 365 -2.61 25.26 9.24
C LYS D 365 -1.37 24.70 9.92
N TYR D 366 -0.59 23.97 9.13
CA TYR D 366 0.75 23.52 9.49
C TYR D 366 1.68 24.08 8.43
N ALA D 367 2.68 24.86 8.86
CA ALA D 367 3.50 25.66 7.95
C ALA D 367 4.99 25.40 8.18
N ARG D 368 5.55 24.41 7.48
CA ARG D 368 6.99 24.22 7.49
C ARG D 368 7.68 25.40 6.78
N MET D 369 9.01 25.36 6.73
CA MET D 369 9.77 26.49 6.20
C MET D 369 10.06 26.33 4.71
N ARG D 370 10.94 27.19 4.19
CA ARG D 370 11.17 27.37 2.75
C ARG D 370 11.21 26.07 1.97
N GLY D 371 12.09 25.15 2.34
CA GLY D 371 12.13 23.87 1.66
C GLY D 371 13.16 23.74 0.57
N ALA D 372 14.43 24.02 0.87
CA ALA D 372 15.50 23.73 -0.07
C ALA D 372 15.52 22.25 -0.42
N HIS D 373 15.41 21.37 0.58
CA HIS D 373 15.22 19.93 0.36
C HIS D 373 13.99 19.51 1.16
N THR D 374 12.81 19.72 0.58
CA THR D 374 11.54 19.49 1.26
C THR D 374 10.96 18.15 0.85
N ASN D 375 10.27 17.52 1.80
CA ASN D 375 9.70 16.18 1.60
C ASN D 375 8.20 16.25 1.92
N ASP D 376 7.38 16.27 0.86
CA ASP D 376 5.94 16.35 1.02
C ASP D 376 5.41 15.25 1.92
N VAL D 377 5.86 14.01 1.72
CA VAL D 377 5.35 12.90 2.50
C VAL D 377 5.76 13.02 3.97
N LYS D 378 7.04 13.35 4.22
CA LYS D 378 7.43 13.64 5.59
C LYS D 378 6.54 14.73 6.20
N GLN D 379 6.40 15.88 5.52
CA GLN D 379 5.62 16.97 6.11
C GLN D 379 4.18 16.56 6.33
N LEU D 380 3.62 15.76 5.42
CA LEU D 380 2.25 15.30 5.61
C LEU D 380 2.14 14.38 6.80
N THR D 381 3.14 13.50 7.00
CA THR D 381 3.12 12.61 8.15
C THR D 381 3.18 13.39 9.44
N GLU D 382 4.06 14.41 9.47
CA GLU D 382 4.14 15.32 10.61
C GLU D 382 2.82 16.05 10.85
N ALA D 383 2.18 16.53 9.78
CA ALA D 383 0.90 17.21 9.93
C ALA D 383 -0.16 16.28 10.49
N VAL D 384 -0.21 15.02 10.01
CA VAL D 384 -1.16 14.04 10.54
C VAL D 384 -0.91 13.82 12.02
N GLN D 385 0.36 13.70 12.43
CA GLN D 385 0.62 13.47 13.85
C GLN D 385 0.24 14.69 14.69
N LYS D 386 0.54 15.89 14.21
CA LYS D 386 0.17 17.09 14.95
C LYS D 386 -1.35 17.23 15.09
N ILE D 387 -2.08 17.04 13.98
CA ILE D 387 -3.54 17.15 14.02
C ILE D 387 -4.12 16.10 14.95
N THR D 388 -3.61 14.86 14.89
CA THR D 388 -4.10 13.81 15.78
C THR D 388 -3.83 14.16 17.22
N THR D 389 -2.65 14.70 17.51
CA THR D 389 -2.33 15.13 18.87
C THR D 389 -3.33 16.17 19.35
N GLU D 390 -3.66 17.13 18.49
CA GLU D 390 -4.64 18.15 18.87
C GLU D 390 -6.02 17.53 19.12
N SER D 391 -6.45 16.62 18.24
CA SER D 391 -7.75 15.96 18.42
C SER D 391 -7.78 15.20 19.73
N ILE D 392 -6.73 14.44 20.03
CA ILE D 392 -6.71 13.71 21.29
C ILE D 392 -6.84 14.67 22.46
N VAL D 393 -6.06 15.76 22.44
CA VAL D 393 -6.08 16.69 23.56
C VAL D 393 -7.48 17.29 23.72
N ILE D 394 -8.09 17.71 22.62
CA ILE D 394 -9.34 18.48 22.67
C ILE D 394 -10.54 17.57 22.94
N TRP D 395 -10.68 16.48 22.17
CA TRP D 395 -11.87 15.63 22.22
C TRP D 395 -11.63 14.22 22.71
N GLY D 396 -10.40 13.73 22.74
CA GLY D 396 -10.12 12.38 23.18
C GLY D 396 -10.25 11.32 22.11
N LYS D 397 -10.53 11.70 20.87
CA LYS D 397 -10.65 10.76 19.77
C LYS D 397 -9.51 11.00 18.78
N THR D 398 -9.23 9.99 17.94
CA THR D 398 -8.41 10.32 16.79
C THR D 398 -9.29 10.48 15.57
N PRO D 399 -8.90 11.35 14.63
CA PRO D 399 -9.71 11.55 13.43
C PRO D 399 -9.40 10.51 12.36
N LYS D 400 -10.39 10.29 11.50
CA LYS D 400 -10.18 9.59 10.24
C LYS D 400 -9.71 10.60 9.20
N PHE D 401 -8.55 10.36 8.62
CA PHE D 401 -7.89 11.33 7.74
C PHE D 401 -8.22 11.07 6.27
N LYS D 402 -8.65 12.11 5.57
CA LYS D 402 -8.71 12.07 4.12
C LYS D 402 -7.40 12.67 3.63
N LEU D 403 -6.47 11.81 3.22
CA LEU D 403 -5.11 12.21 2.89
C LEU D 403 -4.99 12.55 1.42
N PRO D 404 -4.48 13.73 1.05
CA PRO D 404 -4.33 14.13 -0.37
C PRO D 404 -3.02 13.62 -0.96
N ILE D 405 -2.94 12.31 -1.11
CA ILE D 405 -1.73 11.66 -1.60
C ILE D 405 -2.17 10.37 -2.28
N GLN D 406 -1.35 9.89 -3.22
CA GLN D 406 -1.58 8.56 -3.76
C GLN D 406 -1.32 7.53 -2.67
N LYS D 407 -2.26 6.58 -2.54
CA LYS D 407 -2.12 5.46 -1.61
C LYS D 407 -0.70 4.90 -1.58
N GLU D 408 -0.12 4.68 -2.77
CA GLU D 408 1.14 3.95 -2.88
C GLU D 408 2.33 4.77 -2.38
N THR D 409 2.40 6.06 -2.74
CA THR D 409 3.37 6.98 -2.15
C THR D 409 3.33 6.92 -0.62
N TRP D 410 2.12 7.06 -0.06
CA TRP D 410 1.98 7.09 1.39
C TRP D 410 2.46 5.79 2.01
N GLU D 411 2.03 4.65 1.46
CA GLU D 411 2.37 3.38 2.08
C GLU D 411 3.83 3.04 1.87
N THR D 412 4.45 3.54 0.79
CA THR D 412 5.88 3.34 0.62
C THR D 412 6.69 4.04 1.72
N TRP D 413 6.26 5.25 2.16
CA TRP D 413 7.18 6.00 3.03
C TRP D 413 6.69 6.43 4.42
N TRP D 414 5.42 6.32 4.78
CA TRP D 414 5.00 7.04 5.99
C TRP D 414 5.64 6.49 7.27
N THR D 415 5.90 5.18 7.36
CA THR D 415 6.49 4.65 8.60
C THR D 415 7.90 5.14 8.81
N GLU D 416 8.55 5.70 7.79
CA GLU D 416 9.87 6.31 8.00
C GLU D 416 9.80 7.62 8.78
N TYR D 417 8.64 8.23 8.94
CA TYR D 417 8.53 9.51 9.64
C TYR D 417 7.60 9.43 10.84
N TRP D 418 7.09 8.26 11.18
CA TRP D 418 6.16 8.11 12.28
C TRP D 418 6.86 8.10 13.63
N GLN D 419 6.28 8.80 14.60
CA GLN D 419 6.85 8.89 15.94
C GLN D 419 5.85 8.69 17.07
N ALA D 420 4.56 8.51 16.77
CA ALA D 420 3.57 8.28 17.81
C ALA D 420 3.39 6.78 18.09
N THR D 421 2.84 6.46 19.25
CA THR D 421 2.51 5.07 19.55
C THR D 421 1.11 4.68 19.08
N TRP D 422 0.33 5.63 18.57
CA TRP D 422 -0.96 5.36 17.95
C TRP D 422 -0.87 5.58 16.45
N ILE D 423 -1.82 5.00 15.72
CA ILE D 423 -1.96 5.22 14.29
C ILE D 423 -3.42 5.54 13.99
N PRO D 424 -3.73 6.68 13.38
CA PRO D 424 -5.12 6.99 13.06
C PRO D 424 -5.56 6.25 11.81
N GLU D 425 -6.88 6.11 11.69
CA GLU D 425 -7.44 5.64 10.43
C GLU D 425 -7.28 6.73 9.38
N TRP D 426 -7.19 6.30 8.12
CA TRP D 426 -7.06 7.27 7.02
C TRP D 426 -7.60 6.68 5.73
N GLU D 427 -7.74 7.55 4.74
CA GLU D 427 -8.17 7.16 3.41
C GLU D 427 -7.61 8.17 2.43
N PHE D 428 -7.50 7.76 1.17
CA PHE D 428 -6.78 8.54 0.16
C PHE D 428 -7.77 9.21 -0.79
N VAL D 429 -7.60 10.52 -0.98
CA VAL D 429 -8.52 11.33 -1.78
C VAL D 429 -7.76 12.07 -2.85
N ASN D 430 -8.41 12.27 -3.98
CA ASN D 430 -7.93 13.17 -5.04
C ASN D 430 -8.67 14.48 -4.87
N THR D 431 -8.07 15.39 -4.10
CA THR D 431 -8.72 16.65 -3.76
C THR D 431 -9.00 17.46 -5.03
N PRO D 432 -10.09 18.21 -5.05
CA PRO D 432 -10.29 19.19 -6.12
C PRO D 432 -9.46 20.43 -5.82
N PRO D 433 -8.68 20.92 -6.79
CA PRO D 433 -7.87 22.12 -6.52
C PRO D 433 -8.71 23.32 -6.08
N LEU D 434 -10.03 23.26 -6.28
CA LEU D 434 -10.92 24.33 -5.83
C LEU D 434 -10.89 24.50 -4.31
N VAL D 435 -10.98 23.40 -3.56
CA VAL D 435 -11.00 23.54 -2.10
C VAL D 435 -9.63 24.00 -1.58
N LYS D 436 -8.55 23.57 -2.23
CA LYS D 436 -7.24 24.12 -1.91
C LYS D 436 -7.22 25.64 -2.07
N LEU D 437 -7.81 26.15 -3.16
CA LEU D 437 -7.91 27.60 -3.32
C LEU D 437 -8.82 28.24 -2.26
N TRP D 438 -9.86 27.52 -1.83
CA TRP D 438 -10.79 28.07 -0.86
C TRP D 438 -10.12 28.29 0.49
N TYR D 439 -9.31 27.33 0.95
CA TYR D 439 -8.69 27.47 2.26
C TYR D 439 -7.33 28.17 2.23
N GLN D 440 -6.75 28.39 1.05
CA GLN D 440 -5.44 29.03 0.93
C GLN D 440 -5.43 30.38 1.64
N LEU D 441 -4.25 30.76 2.14
CA LEU D 441 -4.10 31.91 3.02
C LEU D 441 -3.60 33.16 2.28
OP2 D4M E . 11.82 -29.76 -6.62
P D4M E . 12.70 -29.45 -5.43
OP1 D4M E . 13.34 -30.59 -4.69
O5' D4M E . 13.98 -28.58 -5.91
C5' D4M E . 14.46 -28.67 -7.24
C4' D4M E . 15.63 -29.64 -7.22
O4' D4M E . 15.82 -30.18 -8.53
C3' D4M E . 16.93 -28.93 -6.90
C2' D4M E . 17.79 -29.13 -7.89
C1' D4M E . 17.23 -30.18 -8.81
N1 D4M E . 17.52 -30.04 -10.25
C6 D4M E . 18.39 -30.93 -10.80
C5 D4M E . 18.70 -30.87 -12.15
C5M D4M E . 19.69 -31.86 -12.75
C4 D4M E . 18.05 -29.82 -12.98
O4 D4M E . 18.29 -29.71 -14.20
N3 D4M E . 17.19 -28.97 -12.40
C2 D4M E . 16.91 -29.06 -11.08
O2 D4M E . 16.11 -28.24 -10.59
S SO4 F . -3.69 -14.93 -7.90
O1 SO4 F . -2.81 -13.84 -8.30
O2 SO4 F . -4.32 -15.51 -9.08
O3 SO4 F . -2.90 -15.95 -7.22
O4 SO4 F . -4.72 -14.42 -7.01
MG MG G . 12.68 -30.13 -2.66
S SO4 H . -1.48 -21.93 -7.30
O1 SO4 H . -0.87 -22.15 -8.61
O2 SO4 H . -2.82 -21.36 -7.46
O3 SO4 H . -0.65 -21.01 -6.52
O4 SO4 H . -1.61 -23.22 -6.62
MG MG I . -21.92 23.65 -17.15
MG MG J . 12.71 -33.00 -1.08
PC D4T K . 12.16 -35.87 -2.78
O1C D4T K . 12.96 -36.98 -2.05
O2C D4T K . 12.94 -34.54 -2.65
O3C D4T K . 12.11 -36.24 -4.24
O7' D4T K . 10.69 -35.82 -2.17
PB D4T K . 9.80 -34.61 -1.68
O1B D4T K . 8.48 -35.14 -1.09
O2B D4T K . 10.53 -33.84 -0.60
O6' D4T K . 9.40 -33.67 -2.93
PA D4T K . 10.04 -32.29 -3.35
O1A D4T K . 10.20 -32.27 -4.88
O2A D4T K . 11.43 -32.12 -2.72
O5' D4T K . 9.05 -31.12 -2.85
C5' D4T K . 9.08 -30.82 -1.47
C4' D4T K . 7.69 -30.79 -0.88
O4' D4T K . 6.84 -29.68 -1.61
C1' D4T K . 5.57 -30.42 -1.98
N1 D4T K . 5.36 -30.33 -3.44
C6 D4T K . 6.40 -30.19 -4.30
C2 D4T K . 4.08 -30.37 -3.90
O2 D4T K . 3.18 -30.49 -3.13
N3 D4T K . 3.85 -30.29 -5.26
C4 D4T K . 4.88 -30.16 -6.13
O4 D4T K . 4.66 -30.10 -7.32
C5 D4T K . 6.18 -30.10 -5.66
C5A D4T K . 7.35 -29.96 -6.66
C2' D4T K . 5.74 -31.66 -1.57
C3' D4T K . 7.08 -31.89 -1.05
S SO4 L . -9.40 41.43 -25.54
O1 SO4 L . -9.69 42.47 -26.53
O2 SO4 L . -9.42 40.11 -26.17
O3 SO4 L . -10.41 41.46 -24.51
O4 SO4 L . -8.12 41.72 -24.92
S SO4 M . 27.14 -17.43 -3.96
O1 SO4 M . 25.76 -16.96 -4.17
O2 SO4 M . 28.02 -16.90 -5.00
O3 SO4 M . 27.63 -16.98 -2.66
O4 SO4 M . 27.13 -18.88 -4.08
C1 GOL N . 7.31 -8.48 2.37
O1 GOL N . 6.36 -8.58 3.40
C2 GOL N . 7.94 -9.89 2.20
O2 GOL N . 8.02 -10.33 0.82
C3 GOL N . 9.30 -9.81 2.98
O3 GOL N . 9.42 -11.00 3.80
#